data_1WVN
# 
_entry.id   1WVN 
# 
_audit_conform.dict_name       mmcif_pdbx.dic 
_audit_conform.dict_version    5.380 
_audit_conform.dict_location   http://mmcif.pdb.org/dictionaries/ascii/mmcif_pdbx.dic 
# 
loop_
_database_2.database_id 
_database_2.database_code 
_database_2.pdbx_database_accession 
_database_2.pdbx_DOI 
PDB   1WVN         pdb_00001wvn 10.2210/pdb1wvn/pdb 
RCSB  RCSB024055   ?            ?                   
WWPDB D_1000024055 ?            ?                   
# 
_pdbx_database_status.status_code                     REL 
_pdbx_database_status.entry_id                        1WVN 
_pdbx_database_status.recvd_initial_deposition_date   2004-12-17 
_pdbx_database_status.deposit_site                    PDBJ 
_pdbx_database_status.process_site                    PDBJ 
_pdbx_database_status.status_code_sf                  REL 
_pdbx_database_status.status_code_mr                  ? 
_pdbx_database_status.SG_entry                        ? 
_pdbx_database_status.pdb_format_compatible           Y 
_pdbx_database_status.status_code_cs                  ? 
_pdbx_database_status.methods_development_category    ? 
_pdbx_database_status.status_code_nmr_data            ? 
# 
loop_
_audit_author.name 
_audit_author.pdbx_ordinal 
_audit_author.identifier_ORCID 
'Wilce, M.C.J.' 1 ? 
'Wilce, J.A.'   2 ? 
'Sidiqu, M.'    3 ? 
# 
_citation.id                        primary 
_citation.title                     'Structure and RNA binding of the third KH domain of poly(C)-binding protein 1.' 
_citation.journal_abbrev            'Nucleic Acids Res.' 
_citation.journal_volume            33 
_citation.page_first                1213 
_citation.page_last                 1221 
_citation.year                      2005 
_citation.journal_id_ASTM           NARHAD 
_citation.country                   UK 
_citation.journal_id_ISSN           0305-1048 
_citation.journal_id_CSD            0389 
_citation.book_publisher            ? 
_citation.pdbx_database_id_PubMed   15731341 
_citation.pdbx_database_id_DOI      10.1093/nar/gki265 
# 
loop_
_citation_author.citation_id 
_citation_author.name 
_citation_author.ordinal 
_citation_author.identifier_ORCID 
primary 'Sidiqi, M.'    1 ? 
primary 'Wilce, J.A.'   2 ? 
primary 'Vivian, J.P.'  3 ? 
primary 'Porter, C.J.'  4 ? 
primary 'Barker, A.'    5 ? 
primary 'Leedman, P.J.' 6 ? 
primary 'Wilce, M.C.J.' 7 ? 
# 
_cell.entry_id           1WVN 
_cell.length_a           33.400 
_cell.length_b           71.000 
_cell.length_c           29.100 
_cell.angle_alpha        90.00 
_cell.angle_beta         90.00 
_cell.angle_gamma        90.00 
_cell.Z_PDB              4 
_cell.pdbx_unique_axis   ? 
# 
_symmetry.entry_id                         1WVN 
_symmetry.space_group_name_H-M             'P 21 21 2' 
_symmetry.pdbx_full_space_group_name_H-M   ? 
_symmetry.cell_setting                     ? 
_symmetry.Int_Tables_number                18 
_symmetry.space_group_name_Hall            ? 
# 
loop_
_entity.id 
_entity.type 
_entity.src_method 
_entity.pdbx_description 
_entity.formula_weight 
_entity.pdbx_number_of_molecules 
_entity.pdbx_ec 
_entity.pdbx_mutation 
_entity.pdbx_fragment 
_entity.details 
1 polymer man 'Poly(rC)-binding protein 1' 8502.637 1  ? ? 'domain 3 (residues 279-356)' ? 
2 water   nat water                        18.015   55 ? ? ?                             ? 
# 
_entity_name_com.entity_id   1 
_entity_name_com.name        'Alpha-CP1, hnRNP-E1, Nucleic acid binding protein SUB2.3' 
# 
_entity_poly.entity_id                      1 
_entity_poly.type                           'polypeptide(L)' 
_entity_poly.nstd_linkage                   no 
_entity_poly.nstd_monomer                   no 
_entity_poly.pdbx_seq_one_letter_code       
;PLGSQTTHELTIPNNLIGCIIGRQGANINEIRQMSGAQIKIANPVEGSSGRQVTITGSAASISLAQYLINARLSSEKGMG
CS
;
_entity_poly.pdbx_seq_one_letter_code_can   
;PLGSQTTHELTIPNNLIGCIIGRQGANINEIRQMSGAQIKIANPVEGSSGRQVTITGSAASISLAQYLINARLSSEKGMG
CS
;
_entity_poly.pdbx_strand_id                 A 
_entity_poly.pdbx_target_identifier         ? 
# 
loop_
_entity_poly_seq.entity_id 
_entity_poly_seq.num 
_entity_poly_seq.mon_id 
_entity_poly_seq.hetero 
1 1  PRO n 
1 2  LEU n 
1 3  GLY n 
1 4  SER n 
1 5  GLN n 
1 6  THR n 
1 7  THR n 
1 8  HIS n 
1 9  GLU n 
1 10 LEU n 
1 11 THR n 
1 12 ILE n 
1 13 PRO n 
1 14 ASN n 
1 15 ASN n 
1 16 LEU n 
1 17 ILE n 
1 18 GLY n 
1 19 CYS n 
1 20 ILE n 
1 21 ILE n 
1 22 GLY n 
1 23 ARG n 
1 24 GLN n 
1 25 GLY n 
1 26 ALA n 
1 27 ASN n 
1 28 ILE n 
1 29 ASN n 
1 30 GLU n 
1 31 ILE n 
1 32 ARG n 
1 33 GLN n 
1 34 MET n 
1 35 SER n 
1 36 GLY n 
1 37 ALA n 
1 38 GLN n 
1 39 ILE n 
1 40 LYS n 
1 41 ILE n 
1 42 ALA n 
1 43 ASN n 
1 44 PRO n 
1 45 VAL n 
1 46 GLU n 
1 47 GLY n 
1 48 SER n 
1 49 SER n 
1 50 GLY n 
1 51 ARG n 
1 52 GLN n 
1 53 VAL n 
1 54 THR n 
1 55 ILE n 
1 56 THR n 
1 57 GLY n 
1 58 SER n 
1 59 ALA n 
1 60 ALA n 
1 61 SER n 
1 62 ILE n 
1 63 SER n 
1 64 LEU n 
1 65 ALA n 
1 66 GLN n 
1 67 TYR n 
1 68 LEU n 
1 69 ILE n 
1 70 ASN n 
1 71 ALA n 
1 72 ARG n 
1 73 LEU n 
1 74 SER n 
1 75 SER n 
1 76 GLU n 
1 77 LYS n 
1 78 GLY n 
1 79 MET n 
1 80 GLY n 
1 81 CYS n 
1 82 SER n 
# 
_entity_src_gen.entity_id                          1 
_entity_src_gen.pdbx_src_id                        1 
_entity_src_gen.pdbx_alt_source_flag               sample 
_entity_src_gen.pdbx_seq_type                      ? 
_entity_src_gen.pdbx_beg_seq_num                   ? 
_entity_src_gen.pdbx_end_seq_num                   ? 
_entity_src_gen.gene_src_common_name               human 
_entity_src_gen.gene_src_genus                     Homo 
_entity_src_gen.pdbx_gene_src_gene                 ? 
_entity_src_gen.gene_src_species                   ? 
_entity_src_gen.gene_src_strain                    ? 
_entity_src_gen.gene_src_tissue                    ? 
_entity_src_gen.gene_src_tissue_fraction           ? 
_entity_src_gen.gene_src_details                   ? 
_entity_src_gen.pdbx_gene_src_fragment             ? 
_entity_src_gen.pdbx_gene_src_scientific_name      'Homo sapiens' 
_entity_src_gen.pdbx_gene_src_ncbi_taxonomy_id     9606 
_entity_src_gen.pdbx_gene_src_variant              ? 
_entity_src_gen.pdbx_gene_src_cell_line            ? 
_entity_src_gen.pdbx_gene_src_atcc                 ? 
_entity_src_gen.pdbx_gene_src_organ                ? 
_entity_src_gen.pdbx_gene_src_organelle            ? 
_entity_src_gen.pdbx_gene_src_cell                 ? 
_entity_src_gen.pdbx_gene_src_cellular_location    ? 
_entity_src_gen.host_org_common_name               ? 
_entity_src_gen.pdbx_host_org_scientific_name      'Escherichia coli' 
_entity_src_gen.pdbx_host_org_ncbi_taxonomy_id     562 
_entity_src_gen.host_org_genus                     Escherichia 
_entity_src_gen.pdbx_host_org_gene                 ? 
_entity_src_gen.pdbx_host_org_organ                ? 
_entity_src_gen.host_org_species                   ? 
_entity_src_gen.pdbx_host_org_tissue               ? 
_entity_src_gen.pdbx_host_org_tissue_fraction      ? 
_entity_src_gen.pdbx_host_org_strain               ? 
_entity_src_gen.pdbx_host_org_variant              ? 
_entity_src_gen.pdbx_host_org_cell_line            ? 
_entity_src_gen.pdbx_host_org_atcc                 ? 
_entity_src_gen.pdbx_host_org_culture_collection   ? 
_entity_src_gen.pdbx_host_org_cell                 ? 
_entity_src_gen.pdbx_host_org_organelle            ? 
_entity_src_gen.pdbx_host_org_cellular_location    ? 
_entity_src_gen.pdbx_host_org_vector_type          plasmid 
_entity_src_gen.pdbx_host_org_vector               ? 
_entity_src_gen.host_org_details                   ? 
_entity_src_gen.expression_system_id               ? 
_entity_src_gen.plasmid_name                       pGEX-6P2 
_entity_src_gen.plasmid_details                    ? 
_entity_src_gen.pdbx_description                   ? 
# 
_struct_ref.id                         1 
_struct_ref.db_name                    UNP 
_struct_ref.db_code                    PCBP1_HUMAN 
_struct_ref.pdbx_db_accession          Q15365 
_struct_ref.entity_id                  1 
_struct_ref.pdbx_seq_one_letter_code   QTTHELTIPNNLIGCIIGRQGANINEIRQMSGAQIKIANPVEGSSGRQVTITGSAASISLAQYLINARLSSEKGMGCS 
_struct_ref.pdbx_align_begin           279 
_struct_ref.pdbx_db_isoform            ? 
# 
_struct_ref_seq.align_id                      1 
_struct_ref_seq.ref_id                        1 
_struct_ref_seq.pdbx_PDB_id_code              1WVN 
_struct_ref_seq.pdbx_strand_id                A 
_struct_ref_seq.seq_align_beg                 5 
_struct_ref_seq.pdbx_seq_align_beg_ins_code   ? 
_struct_ref_seq.seq_align_end                 82 
_struct_ref_seq.pdbx_seq_align_end_ins_code   ? 
_struct_ref_seq.pdbx_db_accession             Q15365 
_struct_ref_seq.db_align_beg                  279 
_struct_ref_seq.pdbx_db_align_beg_ins_code    ? 
_struct_ref_seq.db_align_end                  356 
_struct_ref_seq.pdbx_db_align_end_ins_code    ? 
_struct_ref_seq.pdbx_auth_seq_align_beg       5 
_struct_ref_seq.pdbx_auth_seq_align_end       82 
# 
loop_
_struct_ref_seq_dif.align_id 
_struct_ref_seq_dif.pdbx_pdb_id_code 
_struct_ref_seq_dif.mon_id 
_struct_ref_seq_dif.pdbx_pdb_strand_id 
_struct_ref_seq_dif.seq_num 
_struct_ref_seq_dif.pdbx_pdb_ins_code 
_struct_ref_seq_dif.pdbx_seq_db_name 
_struct_ref_seq_dif.pdbx_seq_db_accession_code 
_struct_ref_seq_dif.db_mon_id 
_struct_ref_seq_dif.pdbx_seq_db_seq_num 
_struct_ref_seq_dif.details 
_struct_ref_seq_dif.pdbx_auth_seq_num 
_struct_ref_seq_dif.pdbx_ordinal 
1 1WVN PRO A 1 ? UNP Q15365 ? ? 'cloning artifact' 1 1 
1 1WVN LEU A 2 ? UNP Q15365 ? ? 'cloning artifact' 2 2 
1 1WVN GLY A 3 ? UNP Q15365 ? ? 'cloning artifact' 3 3 
1 1WVN SER A 4 ? UNP Q15365 ? ? 'cloning artifact' 4 4 
# 
loop_
_chem_comp.id 
_chem_comp.type 
_chem_comp.mon_nstd_flag 
_chem_comp.name 
_chem_comp.pdbx_synonyms 
_chem_comp.formula 
_chem_comp.formula_weight 
ALA 'L-peptide linking' y ALANINE         ? 'C3 H7 N O2'     89.093  
ARG 'L-peptide linking' y ARGININE        ? 'C6 H15 N4 O2 1' 175.209 
ASN 'L-peptide linking' y ASPARAGINE      ? 'C4 H8 N2 O3'    132.118 
CYS 'L-peptide linking' y CYSTEINE        ? 'C3 H7 N O2 S'   121.158 
GLN 'L-peptide linking' y GLUTAMINE       ? 'C5 H10 N2 O3'   146.144 
GLU 'L-peptide linking' y 'GLUTAMIC ACID' ? 'C5 H9 N O4'     147.129 
GLY 'peptide linking'   y GLYCINE         ? 'C2 H5 N O2'     75.067  
HIS 'L-peptide linking' y HISTIDINE       ? 'C6 H10 N3 O2 1' 156.162 
HOH non-polymer         . WATER           ? 'H2 O'           18.015  
ILE 'L-peptide linking' y ISOLEUCINE      ? 'C6 H13 N O2'    131.173 
LEU 'L-peptide linking' y LEUCINE         ? 'C6 H13 N O2'    131.173 
LYS 'L-peptide linking' y LYSINE          ? 'C6 H15 N2 O2 1' 147.195 
MET 'L-peptide linking' y METHIONINE      ? 'C5 H11 N O2 S'  149.211 
PRO 'L-peptide linking' y PROLINE         ? 'C5 H9 N O2'     115.130 
SER 'L-peptide linking' y SERINE          ? 'C3 H7 N O3'     105.093 
THR 'L-peptide linking' y THREONINE       ? 'C4 H9 N O3'     119.119 
TYR 'L-peptide linking' y TYROSINE        ? 'C9 H11 N O3'    181.189 
VAL 'L-peptide linking' y VALINE          ? 'C5 H11 N O2'    117.146 
# 
_exptl.entry_id          1WVN 
_exptl.method            'X-RAY DIFFRACTION' 
_exptl.crystals_number   1 
# 
_exptl_crystal.id                    1 
_exptl_crystal.density_meas          ? 
_exptl_crystal.density_Matthews      2.0 
_exptl_crystal.density_percent_sol   39.0 
_exptl_crystal.description           ? 
_exptl_crystal.F_000                 ? 
_exptl_crystal.preparation           ? 
# 
_exptl_crystal_grow.crystal_id      1 
_exptl_crystal_grow.method          'VAPOR DIFFUSION, HANGING DROP' 
_exptl_crystal_grow.temp            295 
_exptl_crystal_grow.temp_details    ? 
_exptl_crystal_grow.pH              7.5 
_exptl_crystal_grow.pdbx_details    'HEPES, lithium Sulfate, pH 7.5, VAPOR DIFFUSION, HANGING DROP, temperature 295K' 
_exptl_crystal_grow.pdbx_pH_range   . 
# 
_diffrn.id                     1 
_diffrn.ambient_temp           100 
_diffrn.ambient_temp_details   ? 
_diffrn.crystal_id             1 
# 
_diffrn_detector.diffrn_id              1 
_diffrn_detector.detector               'IMAGE PLATE' 
_diffrn_detector.type                   'RIGAKU RAXIS IV' 
_diffrn_detector.pdbx_collection_date   2002-03-08 
_diffrn_detector.details                'OSMIC mirrors' 
# 
_diffrn_radiation.diffrn_id                        1 
_diffrn_radiation.wavelength_id                    1 
_diffrn_radiation.pdbx_monochromatic_or_laue_m_l   M 
_diffrn_radiation.monochromator                    'OSMIC mirrors' 
_diffrn_radiation.pdbx_diffrn_protocol             'SINGLE WAVELENGTH' 
_diffrn_radiation.pdbx_scattering_type             x-ray 
# 
_diffrn_radiation_wavelength.id           1 
_diffrn_radiation_wavelength.wavelength   1.54 
_diffrn_radiation_wavelength.wt           1.0 
# 
_diffrn_source.diffrn_id                   1 
_diffrn_source.source                      'ROTATING ANODE' 
_diffrn_source.type                        'RIGAKU RU200' 
_diffrn_source.pdbx_synchrotron_site       ? 
_diffrn_source.pdbx_synchrotron_beamline   ? 
_diffrn_source.pdbx_wavelength             ? 
_diffrn_source.pdbx_wavelength_list        1.54 
# 
_reflns.entry_id                     1WVN 
_reflns.observed_criterion_sigma_F   0 
_reflns.observed_criterion_sigma_I   -3 
_reflns.d_resolution_high            2.1 
_reflns.d_resolution_low             35.51 
_reflns.number_all                   5911 
_reflns.number_obs                   3817 
_reflns.percent_possible_obs         98.9 
_reflns.pdbx_Rmerge_I_obs            0.042 
_reflns.pdbx_Rsym_value              ? 
_reflns.pdbx_netI_over_sigmaI        27.4 
_reflns.B_iso_Wilson_estimate        30.2 
_reflns.pdbx_redundancy              6.0 
_reflns.R_free_details               ? 
_reflns.limit_h_max                  ? 
_reflns.limit_h_min                  ? 
_reflns.limit_k_max                  ? 
_reflns.limit_k_min                  ? 
_reflns.limit_l_max                  ? 
_reflns.limit_l_min                  ? 
_reflns.observed_criterion_F_max     ? 
_reflns.observed_criterion_F_min     ? 
_reflns.pdbx_chi_squared             ? 
_reflns.pdbx_scaling_rejects         ? 
_reflns.pdbx_diffrn_id               1 
_reflns.pdbx_ordinal                 1 
# 
_reflns_shell.d_res_high             2.1 
_reflns_shell.d_res_low              2.17 
_reflns_shell.percent_possible_all   87.7 
_reflns_shell.Rmerge_I_obs           0.258 
_reflns_shell.pdbx_Rsym_value        ? 
_reflns_shell.meanI_over_sigI_obs    3.5 
_reflns_shell.pdbx_redundancy        ? 
_reflns_shell.percent_possible_obs   ? 
_reflns_shell.number_unique_all      ? 
_reflns_shell.number_measured_all    ? 
_reflns_shell.number_measured_obs    ? 
_reflns_shell.number_unique_obs      ? 
_reflns_shell.pdbx_chi_squared       ? 
_reflns_shell.pdbx_diffrn_id         ? 
_reflns_shell.pdbx_ordinal           1 
# 
_refine.entry_id                                 1WVN 
_refine.ls_number_reflns_obs                     3817 
_refine.ls_number_reflns_all                     5911 
_refine.pdbx_ls_sigma_I                          ? 
_refine.pdbx_ls_sigma_F                          0 
_refine.pdbx_data_cutoff_high_absF               ? 
_refine.pdbx_data_cutoff_low_absF                ? 
_refine.pdbx_data_cutoff_high_rms_absF           ? 
_refine.ls_d_res_low                             35.51 
_refine.ls_d_res_high                            2.10 
_refine.ls_percent_reflns_obs                    98.01 
_refine.ls_R_factor_obs                          0.214 
_refine.ls_R_factor_all                          0.215 
_refine.ls_R_factor_R_work                       0.19022 
_refine.ls_R_factor_R_free                       0.24758 
_refine.ls_R_factor_R_free_error                 ? 
_refine.ls_R_factor_R_free_error_details         ? 
_refine.ls_percent_reflns_R_free                 10.8 
_refine.ls_number_reflns_R_free                  462 
_refine.ls_number_parameters                     ? 
_refine.ls_number_restraints                     ? 
_refine.occupancy_min                            ? 
_refine.occupancy_max                            ? 
_refine.correlation_coeff_Fo_to_Fc               .949 
_refine.correlation_coeff_Fo_to_Fc_free          .929 
_refine.B_iso_mean                               26.124 
_refine.aniso_B[1][1]                            .01 
_refine.aniso_B[2][2]                            -.52 
_refine.aniso_B[3][3]                            .51 
_refine.aniso_B[1][2]                            .00 
_refine.aniso_B[1][3]                            .00 
_refine.aniso_B[2][3]                            .00 
_refine.solvent_model_details                    MASK 
_refine.solvent_model_param_ksol                 ? 
_refine.solvent_model_param_bsol                 ? 
_refine.pdbx_solvent_vdw_probe_radii             1.20 
_refine.pdbx_solvent_ion_probe_radii             .80 
_refine.pdbx_solvent_shrinkage_radii             .80 
_refine.pdbx_ls_cross_valid_method               THROUGHOUT 
_refine.details                                  'HYDROGENS HAVE BEEN ADDED IN THE RIDING POSITIONS' 
_refine.pdbx_starting_model                      1EC6 
_refine.pdbx_method_to_determine_struct          'MOLECULAR REPLACEMENT' 
_refine.pdbx_isotropic_thermal_model             ? 
_refine.pdbx_stereochemistry_target_values       'MAXIMUM LIKELIHOOD' 
_refine.pdbx_stereochem_target_val_spec_case     ? 
_refine.pdbx_R_Free_selection_details            RANDOM 
_refine.pdbx_overall_ESU_R                       .268 
_refine.pdbx_overall_ESU_R_Free                  .214 
_refine.overall_SU_ML                            .137 
_refine.overall_SU_B                             5.154 
_refine.ls_redundancy_reflns_obs                 ? 
_refine.B_iso_min                                ? 
_refine.B_iso_max                                ? 
_refine.overall_SU_R_Cruickshank_DPI             ? 
_refine.overall_SU_R_free                        ? 
_refine.ls_wR_factor_R_free                      ? 
_refine.ls_wR_factor_R_work                      ? 
_refine.overall_FOM_free_R_set                   ? 
_refine.overall_FOM_work_R_set                   ? 
_refine.pdbx_refine_id                           'X-RAY DIFFRACTION' 
_refine.pdbx_diffrn_id                           1 
_refine.pdbx_TLS_residual_ADP_flag               ? 
_refine.pdbx_overall_phase_error                 ? 
_refine.pdbx_overall_SU_R_free_Cruickshank_DPI   ? 
_refine.pdbx_overall_SU_R_Blow_DPI               ? 
_refine.pdbx_overall_SU_R_free_Blow_DPI          ? 
# 
_refine_hist.pdbx_refine_id                   'X-RAY DIFFRACTION' 
_refine_hist.cycle_id                         LAST 
_refine_hist.pdbx_number_atoms_protein        539 
_refine_hist.pdbx_number_atoms_nucleic_acid   0 
_refine_hist.pdbx_number_atoms_ligand         0 
_refine_hist.number_atoms_solvent             55 
_refine_hist.number_atoms_total               594 
_refine_hist.d_res_high                       2.10 
_refine_hist.d_res_low                        35.51 
# 
loop_
_refine_ls_restr.type 
_refine_ls_restr.dev_ideal 
_refine_ls_restr.dev_ideal_target 
_refine_ls_restr.weight 
_refine_ls_restr.number 
_refine_ls_restr.pdbx_refine_id 
_refine_ls_restr.pdbx_restraint_function 
r_bond_refined_d         .012   .022   ? 543 'X-RAY DIFFRACTION' ? 
r_angle_refined_deg      1.279  1.958  ? 734 'X-RAY DIFFRACTION' ? 
r_dihedral_angle_1_deg   4.948  5.000  ? 73  'X-RAY DIFFRACTION' ? 
r_dihedral_angle_2_deg   38.717 25.238 ? 21  'X-RAY DIFFRACTION' ? 
r_dihedral_angle_3_deg   17.088 15.000 ? 95  'X-RAY DIFFRACTION' ? 
r_dihedral_angle_4_deg   23.500 15.000 ? 4   'X-RAY DIFFRACTION' ? 
r_chiral_restr           .077   .200   ? 90  'X-RAY DIFFRACTION' ? 
r_gen_planes_refined     .005   .020   ? 394 'X-RAY DIFFRACTION' ? 
r_nbd_refined            .200   .200   ? 241 'X-RAY DIFFRACTION' ? 
r_nbtor_refined          .290   .200   ? 389 'X-RAY DIFFRACTION' ? 
r_xyhbond_nbd_refined    .230   .200   ? 33  'X-RAY DIFFRACTION' ? 
r_symmetry_vdw_refined   .189   .200   ? 25  'X-RAY DIFFRACTION' ? 
r_symmetry_hbond_refined .183   .200   ? 15  'X-RAY DIFFRACTION' ? 
r_mcbond_it              .954   1.500  ? 377 'X-RAY DIFFRACTION' ? 
r_mcangle_it             1.537  2.000  ? 584 'X-RAY DIFFRACTION' ? 
r_scbond_it              2.283  3.000  ? 183 'X-RAY DIFFRACTION' ? 
r_scangle_it             3.550  4.500  ? 150 'X-RAY DIFFRACTION' ? 
# 
_refine_ls_shell.pdbx_total_number_of_bins_used   20 
_refine_ls_shell.d_res_high                       2.100 
_refine_ls_shell.d_res_low                        2.154 
_refine_ls_shell.number_reflns_R_work             232 
_refine_ls_shell.R_factor_R_work                  0.214 
_refine_ls_shell.percent_reflns_obs               87.16 
_refine_ls_shell.R_factor_R_free                  0.254 
_refine_ls_shell.R_factor_R_free_error            ? 
_refine_ls_shell.percent_reflns_R_free            ? 
_refine_ls_shell.number_reflns_R_free             26 
_refine_ls_shell.number_reflns_obs                ? 
_refine_ls_shell.redundancy_reflns_obs            ? 
_refine_ls_shell.number_reflns_all                ? 
_refine_ls_shell.pdbx_refine_id                   'X-RAY DIFFRACTION' 
_refine_ls_shell.R_factor_all                     ? 
# 
_struct.entry_id                  1WVN 
_struct.title                     'Crystal Structure of domain 3 of human alpha polyC binding protein' 
_struct.pdbx_model_details        ? 
_struct.pdbx_CASP_flag            ? 
_struct.pdbx_model_type_details   ? 
# 
_struct_keywords.entry_id        1WVN 
_struct_keywords.pdbx_keywords   'RNA BINDING PROTEIN' 
_struct_keywords.text            'KH Domain, RNA binding domain, RNA BINDING PROTEIN' 
# 
loop_
_struct_asym.id 
_struct_asym.pdbx_blank_PDB_chainid_flag 
_struct_asym.pdbx_modified 
_struct_asym.entity_id 
_struct_asym.details 
A N N 1 ? 
B N N 2 ? 
# 
loop_
_struct_conf.conf_type_id 
_struct_conf.id 
_struct_conf.pdbx_PDB_helix_id 
_struct_conf.beg_label_comp_id 
_struct_conf.beg_label_asym_id 
_struct_conf.beg_label_seq_id 
_struct_conf.pdbx_beg_PDB_ins_code 
_struct_conf.end_label_comp_id 
_struct_conf.end_label_asym_id 
_struct_conf.end_label_seq_id 
_struct_conf.pdbx_end_PDB_ins_code 
_struct_conf.beg_auth_comp_id 
_struct_conf.beg_auth_asym_id 
_struct_conf.beg_auth_seq_id 
_struct_conf.end_auth_comp_id 
_struct_conf.end_auth_asym_id 
_struct_conf.end_auth_seq_id 
_struct_conf.pdbx_PDB_helix_class 
_struct_conf.details 
_struct_conf.pdbx_PDB_helix_length 
HELX_P HELX_P1 1 LEU A 16 ? GLY A 22 ? LEU A 16 GLY A 22 1 ? 7  
HELX_P HELX_P2 2 GLY A 25 ? GLY A 36 ? GLY A 25 GLY A 36 1 ? 12 
HELX_P HELX_P3 3 SER A 58 ? LEU A 73 ? SER A 58 LEU A 73 1 ? 16 
# 
_struct_conf_type.id          HELX_P 
_struct_conf_type.criteria    ? 
_struct_conf_type.reference   ? 
# 
_struct_sheet.id               A 
_struct_sheet.type             ? 
_struct_sheet.number_strands   3 
_struct_sheet.details          ? 
# 
loop_
_struct_sheet_order.sheet_id 
_struct_sheet_order.range_id_1 
_struct_sheet_order.range_id_2 
_struct_sheet_order.offset 
_struct_sheet_order.sense 
A 1 2 ? anti-parallel 
A 2 3 ? anti-parallel 
# 
loop_
_struct_sheet_range.sheet_id 
_struct_sheet_range.id 
_struct_sheet_range.beg_label_comp_id 
_struct_sheet_range.beg_label_asym_id 
_struct_sheet_range.beg_label_seq_id 
_struct_sheet_range.pdbx_beg_PDB_ins_code 
_struct_sheet_range.end_label_comp_id 
_struct_sheet_range.end_label_asym_id 
_struct_sheet_range.end_label_seq_id 
_struct_sheet_range.pdbx_end_PDB_ins_code 
_struct_sheet_range.beg_auth_comp_id 
_struct_sheet_range.beg_auth_asym_id 
_struct_sheet_range.beg_auth_seq_id 
_struct_sheet_range.end_auth_comp_id 
_struct_sheet_range.end_auth_asym_id 
_struct_sheet_range.end_auth_seq_id 
A 1 THR A 6  ? PRO A 13 ? THR A 6  PRO A 13 
A 2 GLY A 50 ? GLY A 57 ? GLY A 50 GLY A 57 
A 3 GLN A 38 ? ILE A 41 ? GLN A 38 ILE A 41 
# 
loop_
_pdbx_struct_sheet_hbond.sheet_id 
_pdbx_struct_sheet_hbond.range_id_1 
_pdbx_struct_sheet_hbond.range_id_2 
_pdbx_struct_sheet_hbond.range_1_label_atom_id 
_pdbx_struct_sheet_hbond.range_1_label_comp_id 
_pdbx_struct_sheet_hbond.range_1_label_asym_id 
_pdbx_struct_sheet_hbond.range_1_label_seq_id 
_pdbx_struct_sheet_hbond.range_1_PDB_ins_code 
_pdbx_struct_sheet_hbond.range_1_auth_atom_id 
_pdbx_struct_sheet_hbond.range_1_auth_comp_id 
_pdbx_struct_sheet_hbond.range_1_auth_asym_id 
_pdbx_struct_sheet_hbond.range_1_auth_seq_id 
_pdbx_struct_sheet_hbond.range_2_label_atom_id 
_pdbx_struct_sheet_hbond.range_2_label_comp_id 
_pdbx_struct_sheet_hbond.range_2_label_asym_id 
_pdbx_struct_sheet_hbond.range_2_label_seq_id 
_pdbx_struct_sheet_hbond.range_2_PDB_ins_code 
_pdbx_struct_sheet_hbond.range_2_auth_atom_id 
_pdbx_struct_sheet_hbond.range_2_auth_comp_id 
_pdbx_struct_sheet_hbond.range_2_auth_asym_id 
_pdbx_struct_sheet_hbond.range_2_auth_seq_id 
A 1 2 N ILE A 12 ? N ILE A 12 O ARG A 51 ? O ARG A 51 
A 2 3 O THR A 54 ? O THR A 54 N LYS A 40 ? N LYS A 40 
# 
_atom_sites.entry_id                    1WVN 
_atom_sites.fract_transf_matrix[1][1]   -0.02367262 
_atom_sites.fract_transf_matrix[1][2]   0.01010448 
_atom_sites.fract_transf_matrix[1][3]   0.01529412 
_atom_sites.fract_transf_matrix[2][1]   0.00861041 
_atom_sites.fract_transf_matrix[2][2]   0.00548331 
_atom_sites.fract_transf_matrix[2][3]   0.00970471 
_atom_sites.fract_transf_matrix[3][1]   0.00115703 
_atom_sites.fract_transf_matrix[3][2]   0.02945186 
_atom_sites.fract_transf_matrix[3][3]   -0.01766730 
_atom_sites.fract_transf_vector[1]      0.516886 
_atom_sites.fract_transf_vector[2]      0.174964 
_atom_sites.fract_transf_vector[3]      0.014359 
# 
loop_
_atom_type.symbol 
C 
N 
O 
S 
# 
loop_
_atom_site.group_PDB 
_atom_site.id 
_atom_site.type_symbol 
_atom_site.label_atom_id 
_atom_site.label_alt_id 
_atom_site.label_comp_id 
_atom_site.label_asym_id 
_atom_site.label_entity_id 
_atom_site.label_seq_id 
_atom_site.pdbx_PDB_ins_code 
_atom_site.Cartn_x 
_atom_site.Cartn_y 
_atom_site.Cartn_z 
_atom_site.occupancy 
_atom_site.B_iso_or_equiv 
_atom_site.pdbx_formal_charge 
_atom_site.auth_seq_id 
_atom_site.auth_comp_id 
_atom_site.auth_asym_id 
_atom_site.auth_atom_id 
_atom_site.pdbx_PDB_model_num 
ATOM   1   N N   . PRO A 1 1  ? -0.762  -20.192 2.682   1.00 46.83 ? 1   PRO A N   1 
ATOM   2   C CA  . PRO A 1 1  ? 0.525   -20.810 2.912   1.00 46.26 ? 1   PRO A CA  1 
ATOM   3   C C   . PRO A 1 1  ? 1.494   -19.961 3.716   1.00 45.70 ? 1   PRO A C   1 
ATOM   4   O O   . PRO A 1 1  ? 1.579   -18.740 3.537   1.00 45.76 ? 1   PRO A O   1 
ATOM   5   C CB  . PRO A 1 1  ? 1.043   -21.043 1.494   1.00 46.17 ? 1   PRO A CB  1 
ATOM   6   C CG  . PRO A 1 1  ? -0.209  -21.435 0.753   1.00 47.35 ? 1   PRO A CG  1 
ATOM   7   C CD  . PRO A 1 1  ? -1.402  -20.788 1.496   1.00 47.24 ? 1   PRO A CD  1 
ATOM   8   N N   . LEU A 1 2  ? 2.217   -20.654 4.593   1.00 44.72 ? 2   LEU A N   1 
ATOM   9   C CA  . LEU A 1 2  ? 3.201   -20.081 5.515   1.00 43.50 ? 2   LEU A CA  1 
ATOM   10  C C   . LEU A 1 2  ? 4.543   -19.758 4.853   1.00 42.29 ? 2   LEU A C   1 
ATOM   11  O O   . LEU A 1 2  ? 5.142   -18.715 5.130   1.00 42.20 ? 2   LEU A O   1 
ATOM   12  C CB  . LEU A 1 2  ? 3.428   -21.058 6.674   1.00 43.24 ? 2   LEU A CB  1 
ATOM   13  C CG  . LEU A 1 2  ? 2.555   -20.868 7.911   1.00 43.74 ? 2   LEU A CG  1 
ATOM   14  C CD1 . LEU A 1 2  ? 2.742   -22.031 8.878   1.00 43.04 ? 2   LEU A CD1 1 
ATOM   15  C CD2 . LEU A 1 2  ? 2.911   -19.542 8.576   1.00 43.38 ? 2   LEU A CD2 1 
ATOM   16  N N   . GLY A 1 3  ? 5.015   -20.667 4.003   1.00 40.89 ? 3   GLY A N   1 
ATOM   17  C CA  . GLY A 1 3  ? 6.254   -20.460 3.255   1.00 39.81 ? 3   GLY A CA  1 
ATOM   18  C C   . GLY A 1 3  ? 6.199   -19.394 2.153   1.00 38.50 ? 3   GLY A C   1 
ATOM   19  O O   . GLY A 1 3  ? 7.243   -18.968 1.639   1.00 38.35 ? 3   GLY A O   1 
ATOM   20  N N   . SER A 1 4  ? 4.996   -18.960 1.781   1.00 36.80 ? 4   SER A N   1 
ATOM   21  C CA  . SER A 1 4  ? 4.860   -17.984 0.701   1.00 35.47 ? 4   SER A CA  1 
ATOM   22  C C   . SER A 1 4  ? 4.938   -16.526 1.186   1.00 33.50 ? 4   SER A C   1 
ATOM   23  O O   . SER A 1 4  ? 5.149   -15.619 0.386   1.00 33.01 ? 4   SER A O   1 
ATOM   24  C CB  . SER A 1 4  ? 3.579   -18.230 -0.110  1.00 35.57 ? 4   SER A CB  1 
ATOM   25  O OG  . SER A 1 4  ? 2.420   -18.052 0.696   1.00 37.51 ? 4   SER A OG  1 
ATOM   26  N N   . GLN A 1 5  ? 4.785   -16.320 2.489   1.00 31.38 ? 5   GLN A N   1 
ATOM   27  C CA  . GLN A 1 5  ? 4.662   -14.987 3.070   1.00 30.11 ? 5   GLN A CA  1 
ATOM   28  C C   . GLN A 1 5  ? 5.979   -14.240 3.051   1.00 28.60 ? 5   GLN A C   1 
ATOM   29  O O   . GLN A 1 5  ? 6.994   -14.770 3.490   1.00 28.52 ? 5   GLN A O   1 
ATOM   30  C CB  . GLN A 1 5  ? 4.191   -15.101 4.504   1.00 30.87 ? 5   GLN A CB  1 
ATOM   31  C CG  . GLN A 1 5  ? 3.990   -13.781 5.180   1.00 32.69 ? 5   GLN A CG  1 
ATOM   32  C CD  . GLN A 1 5  ? 2.532   -13.436 5.355   1.00 36.28 ? 5   GLN A CD  1 
ATOM   33  O OE1 . GLN A 1 5  ? 2.195   -12.537 6.137   1.00 37.60 ? 5   GLN A OE1 1 
ATOM   34  N NE2 . GLN A 1 5  ? 1.650   -14.142 4.630   1.00 35.24 ? 5   GLN A NE2 1 
ATOM   35  N N   . THR A 1 6  ? 5.964   -13.016 2.534   1.00 26.65 ? 6   THR A N   1 
ATOM   36  C CA  . THR A 1 6  ? 7.170   -12.188 2.474   1.00 24.97 ? 6   THR A CA  1 
ATOM   37  C C   . THR A 1 6  ? 6.766   -10.738 2.701   1.00 24.61 ? 6   THR A C   1 
ATOM   38  O O   . THR A 1 6  ? 5.613   -10.442 3.027   1.00 24.07 ? 6   THR A O   1 
ATOM   39  C CB  . THR A 1 6  ? 7.955   -12.411 1.128   1.00 25.34 ? 6   THR A CB  1 
ATOM   40  O OG1 . THR A 1 6  ? 9.198   -11.706 1.145   1.00 23.81 ? 6   THR A OG1 1 
ATOM   41  C CG2 . THR A 1 6  ? 7.124   -11.995 -0.098  1.00 23.78 ? 6   THR A CG2 1 
ATOM   42  N N   . THR A 1 7  ? 7.718   -9.840  2.525   1.00 24.02 ? 7   THR A N   1 
ATOM   43  C CA  . THR A 1 7  ? 7.510   -8.428  2.747   1.00 23.84 ? 7   THR A CA  1 
ATOM   44  C C   . THR A 1 7  ? 8.055   -7.633  1.561   1.00 22.50 ? 7   THR A C   1 
ATOM   45  O O   . THR A 1 7  ? 9.099   -7.951  1.009   1.00 21.73 ? 7   THR A O   1 
ATOM   46  C CB  . THR A 1 7  ? 8.196   -7.965  4.064   1.00 23.91 ? 7   THR A CB  1 
ATOM   47  O OG1 . THR A 1 7  ? 7.789   -8.829  5.134   1.00 26.91 ? 7   THR A OG1 1 
ATOM   48  C CG2 . THR A 1 7  ? 7.821   -6.515  4.422   1.00 24.57 ? 7   THR A CG2 1 
ATOM   49  N N   . HIS A 1 8  ? 7.325   -6.593  1.194   1.00 21.19 ? 8   HIS A N   1 
ATOM   50  C CA  . HIS A 1 8  ? 7.745   -5.673  0.163   1.00 20.42 ? 8   HIS A CA  1 
ATOM   51  C C   . HIS A 1 8  ? 7.636   -4.211  0.639   1.00 19.83 ? 8   HIS A C   1 
ATOM   52  O O   . HIS A 1 8  ? 6.964   -3.925  1.615   1.00 19.15 ? 8   HIS A O   1 
ATOM   53  C CB  . HIS A 1 8  ? 6.908   -5.922  -1.102  1.00 20.65 ? 8   HIS A CB  1 
ATOM   54  C CG  . HIS A 1 8  ? 7.443   -5.242  -2.320  1.00 19.92 ? 8   HIS A CG  1 
ATOM   55  N ND1 . HIS A 1 8  ? 8.785   -5.215  -2.626  1.00 20.00 ? 8   HIS A ND1 1 
ATOM   56  C CD2 . HIS A 1 8  ? 6.820   -4.556  -3.300  1.00 20.64 ? 8   HIS A CD2 1 
ATOM   57  C CE1 . HIS A 1 8  ? 8.965   -4.546  -3.744  1.00 20.90 ? 8   HIS A CE1 1 
ATOM   58  N NE2 . HIS A 1 8  ? 7.789   -4.128  -4.169  1.00 22.15 ? 8   HIS A NE2 1 
ATOM   59  N N   . GLU A 1 9  ? 8.306   -3.296  -0.049  1.00 19.87 ? 9   GLU A N   1 
ATOM   60  C CA  . GLU A 1 9  ? 8.304   -1.891  0.340   1.00 19.34 ? 9   GLU A CA  1 
ATOM   61  C C   . GLU A 1 9  ? 8.261   -1.039  -0.911  1.00 19.85 ? 9   GLU A C   1 
ATOM   62  O O   . GLU A 1 9  ? 8.858   -1.405  -1.928  1.00 20.02 ? 9   GLU A O   1 
ATOM   63  C CB  . GLU A 1 9  ? 9.536   -1.583  1.213   1.00 19.38 ? 9   GLU A CB  1 
ATOM   64  C CG  . GLU A 1 9  ? 9.621   -0.160  1.787   1.00 20.77 ? 9   GLU A CG  1 
ATOM   65  C CD  . GLU A 1 9  ? 10.416  0.805   0.901   1.00 21.21 ? 9   GLU A CD  1 
ATOM   66  O OE1 . GLU A 1 9  ? 10.896  0.397   -0.183  1.00 20.54 ? 9   GLU A OE1 1 
ATOM   67  O OE2 . GLU A 1 9  ? 10.567  1.982   1.302   1.00 22.98 ? 9   GLU A OE2 1 
ATOM   68  N N   . LEU A 1 10 ? 7.549   0.086   -0.851  1.00 19.63 ? 10  LEU A N   1 
ATOM   69  C CA  . LEU A 1 10 ? 7.613   1.089   -1.917  1.00 21.30 ? 10  LEU A CA  1 
ATOM   70  C C   . LEU A 1 10 ? 7.346   2.495   -1.362  1.00 21.28 ? 10  LEU A C   1 
ATOM   71  O O   . LEU A 1 10 ? 6.990   2.653   -0.199  1.00 20.90 ? 10  LEU A O   1 
ATOM   72  C CB  . LEU A 1 10 ? 6.659   0.754   -3.092  1.00 20.70 ? 10  LEU A CB  1 
ATOM   73  C CG  . LEU A 1 10 ? 5.202   0.482   -2.738  1.00 22.52 ? 10  LEU A CG  1 
ATOM   74  C CD1 . LEU A 1 10 ? 4.520   1.769   -2.377  1.00 26.07 ? 10  LEU A CD1 1 
ATOM   75  C CD2 . LEU A 1 10 ? 4.420   -0.218  -3.874  1.00 22.87 ? 10  LEU A CD2 1 
ATOM   76  N N   . THR A 1 11 ? 7.521   3.499   -2.213  1.00 22.05 ? 11  THR A N   1 
ATOM   77  C CA  . THR A 1 11 ? 7.316   4.872   -1.827  1.00 23.03 ? 11  THR A CA  1 
ATOM   78  C C   . THR A 1 11 ? 6.259   5.513   -2.718  1.00 23.72 ? 11  THR A C   1 
ATOM   79  O O   . THR A 1 11 ? 6.352   5.438   -3.944  1.00 24.09 ? 11  THR A O   1 
ATOM   80  C CB  . THR A 1 11 ? 8.674   5.653   -1.854  1.00 22.97 ? 11  THR A CB  1 
ATOM   81  O OG1 . THR A 1 11 ? 9.503   5.169   -0.794  1.00 24.11 ? 11  THR A OG1 1 
ATOM   82  C CG2 . THR A 1 11 ? 8.472   7.148   -1.658  1.00 22.66 ? 11  THR A CG2 1 
ATOM   83  N N   . ILE A 1 12 ? 5.244   6.106   -2.080  1.00 24.24 ? 12  ILE A N   1 
ATOM   84  C CA  . ILE A 1 12 ? 4.231   6.916   -2.753  1.00 25.23 ? 12  ILE A CA  1 
ATOM   85  C C   . ILE A 1 12 ? 4.635   8.399   -2.649  1.00 26.14 ? 12  ILE A C   1 
ATOM   86  O O   . ILE A 1 12 ? 4.918   8.895   -1.548  1.00 25.41 ? 12  ILE A O   1 
ATOM   87  C CB  . ILE A 1 12 ? 2.798   6.752   -2.124  1.00 25.39 ? 12  ILE A CB  1 
ATOM   88  C CG1 . ILE A 1 12 ? 2.407   5.287   -1.910  1.00 25.63 ? 12  ILE A CG1 1 
ATOM   89  C CG2 . ILE A 1 12 ? 1.732   7.541   -2.933  1.00 24.76 ? 12  ILE A CG2 1 
ATOM   90  C CD1 . ILE A 1 12 ? 2.453   4.448   -3.137  1.00 27.84 ? 12  ILE A CD1 1 
ATOM   91  N N   . PRO A 1 13 ? 4.637   9.118   -3.786  1.00 27.20 ? 13  PRO A N   1 
ATOM   92  C CA  . PRO A 1 13 ? 4.866   10.558  -3.662  1.00 28.08 ? 13  PRO A CA  1 
ATOM   93  C C   . PRO A 1 13 ? 3.841   11.202  -2.723  1.00 28.69 ? 13  PRO A C   1 
ATOM   94  O O   . PRO A 1 13 ? 2.665   10.828  -2.727  1.00 27.78 ? 13  PRO A O   1 
ATOM   95  C CB  . PRO A 1 13 ? 4.718   11.061  -5.096  1.00 28.33 ? 13  PRO A CB  1 
ATOM   96  C CG  . PRO A 1 13 ? 5.035   9.839   -5.955  1.00 27.78 ? 13  PRO A CG  1 
ATOM   97  C CD  . PRO A 1 13 ? 4.430   8.706   -5.189  1.00 27.41 ? 13  PRO A CD  1 
ATOM   98  N N   . ASN A 1 14 ? 4.316   12.137  -1.902  1.00 30.01 ? 14  ASN A N   1 
ATOM   99  C CA  . ASN A 1 14 ? 3.521   12.753  -0.842  1.00 32.09 ? 14  ASN A CA  1 
ATOM   100 C C   . ASN A 1 14 ? 2.209   13.339  -1.300  1.00 32.12 ? 14  ASN A C   1 
ATOM   101 O O   . ASN A 1 14 ? 1.210   13.272  -0.587  1.00 32.36 ? 14  ASN A O   1 
ATOM   102 C CB  . ASN A 1 14 ? 4.316   13.861  -0.159  1.00 33.10 ? 14  ASN A CB  1 
ATOM   103 C CG  . ASN A 1 14 ? 5.096   13.366  1.025   1.00 35.32 ? 14  ASN A CG  1 
ATOM   104 O OD1 . ASN A 1 14 ? 4.866   12.264  1.524   1.00 39.62 ? 14  ASN A OD1 1 
ATOM   105 N ND2 . ASN A 1 14 ? 6.039   14.181  1.487   1.00 39.71 ? 14  ASN A ND2 1 
ATOM   106 N N   . ASN A 1 15 ? 2.236   13.904  -2.502  1.00 32.37 ? 15  ASN A N   1 
ATOM   107 C CA  . ASN A 1 15 ? 1.086   14.580  -3.084  1.00 32.90 ? 15  ASN A CA  1 
ATOM   108 C C   . ASN A 1 15 ? -0.013  13.588  -3.425  1.00 31.71 ? 15  ASN A C   1 
ATOM   109 O O   . ASN A 1 15 ? -1.152  13.993  -3.703  1.00 32.44 ? 15  ASN A O   1 
ATOM   110 C CB  . ASN A 1 15 ? 1.504   15.382  -4.322  1.00 33.27 ? 15  ASN A CB  1 
ATOM   111 C CG  . ASN A 1 15 ? 2.227   14.536  -5.353  1.00 35.73 ? 15  ASN A CG  1 
ATOM   112 O OD1 . ASN A 1 15 ? 3.196   13.842  -5.038  1.00 38.42 ? 15  ASN A OD1 1 
ATOM   113 N ND2 . ASN A 1 15 ? 1.756   14.587  -6.602  1.00 38.07 ? 15  ASN A ND2 1 
ATOM   114 N N   . LEU A 1 16 ? 0.340   12.297  -3.368  1.00 29.62 ? 16  LEU A N   1 
ATOM   115 C CA  . LEU A 1 16 ? -0.542  11.201  -3.771  1.00 27.39 ? 16  LEU A CA  1 
ATOM   116 C C   . LEU A 1 16 ? -1.052  10.330  -2.629  1.00 26.53 ? 16  LEU A C   1 
ATOM   117 O O   . LEU A 1 16 ? -1.985  9.557   -2.833  1.00 26.19 ? 16  LEU A O   1 
ATOM   118 C CB  . LEU A 1 16 ? 0.153   10.329  -4.834  1.00 26.65 ? 16  LEU A CB  1 
ATOM   119 C CG  . LEU A 1 16 ? 0.493   11.049  -6.152  1.00 25.94 ? 16  LEU A CG  1 
ATOM   120 C CD1 . LEU A 1 16 ? 1.328   10.158  -7.060  1.00 25.32 ? 16  LEU A CD1 1 
ATOM   121 C CD2 . LEU A 1 16 ? -0.768  11.572  -6.865  1.00 24.75 ? 16  LEU A CD2 1 
ATOM   122 N N   . ILE A 1 17 ? -0.453  10.448  -1.439  1.00 25.28 ? 17  ILE A N   1 
ATOM   123 C CA  . ILE A 1 17 ? -0.782  9.567   -0.312  1.00 25.39 ? 17  ILE A CA  1 
ATOM   124 C C   . ILE A 1 17 ? -2.243  9.689   0.147   1.00 25.51 ? 17  ILE A C   1 
ATOM   125 O O   . ILE A 1 17 ? -2.848  8.694   0.526   1.00 25.68 ? 17  ILE A O   1 
ATOM   126 C CB  . ILE A 1 17 ? 0.207   9.735   0.903   1.00 25.39 ? 17  ILE A CB  1 
ATOM   127 C CG1 . ILE A 1 17 ? 0.057   8.592   1.917   1.00 24.98 ? 17  ILE A CG1 1 
ATOM   128 C CG2 . ILE A 1 17 ? -0.027  11.059  1.610   1.00 25.78 ? 17  ILE A CG2 1 
ATOM   129 C CD1 . ILE A 1 17 ? 0.709   7.273   1.508   1.00 22.64 ? 17  ILE A CD1 1 
ATOM   130 N N   . GLY A 1 18 ? -2.809  10.900  0.091   1.00 25.83 ? 18  GLY A N   1 
ATOM   131 C CA  . GLY A 1 18 ? -4.205  11.127  0.484   1.00 26.32 ? 18  GLY A CA  1 
ATOM   132 C C   . GLY A 1 18 ? -5.184  10.370  -0.392  1.00 26.52 ? 18  GLY A C   1 
ATOM   133 O O   . GLY A 1 18 ? -6.248  9.957   0.059   1.00 26.71 ? 18  GLY A O   1 
ATOM   134 N N   . CYS A 1 19 ? -4.812  10.196  -1.655  1.00 27.63 ? 19  CYS A N   1 
ATOM   135 C CA  . CYS A 1 19 ? -5.587  9.429   -2.624  1.00 27.32 ? 19  CYS A CA  1 
ATOM   136 C C   . CYS A 1 19 ? -5.525  7.948   -2.297  1.00 25.63 ? 19  CYS A C   1 
ATOM   137 O O   . CYS A 1 19 ? -6.541  7.264   -2.353  1.00 26.47 ? 19  CYS A O   1 
ATOM   138 C CB  . CYS A 1 19 ? -5.071  9.706   -4.054  1.00 28.13 ? 19  CYS A CB  1 
ATOM   139 S SG  . CYS A 1 19 ? -5.841  8.695   -5.348  1.00 32.77 ? 19  CYS A SG  1 
ATOM   140 N N   . ILE A 1 20 ? -4.343  7.472   -1.897  1.00 24.06 ? 20  ILE A N   1 
ATOM   141 C CA  . ILE A 1 20 ? -4.157  6.086   -1.499  1.00 22.05 ? 20  ILE A CA  1 
ATOM   142 C C   . ILE A 1 20 ? -4.978  5.735   -0.245  1.00 20.97 ? 20  ILE A C   1 
ATOM   143 O O   . ILE A 1 20 ? -5.587  4.663   -0.177  1.00 19.35 ? 20  ILE A O   1 
ATOM   144 C CB  . ILE A 1 20 ? -2.652  5.729   -1.347  1.00 21.75 ? 20  ILE A CB  1 
ATOM   145 C CG1 . ILE A 1 20 ? -1.977  5.706   -2.724  1.00 22.37 ? 20  ILE A CG1 1 
ATOM   146 C CG2 . ILE A 1 20 ? -2.463  4.370   -0.670  1.00 21.04 ? 20  ILE A CG2 1 
ATOM   147 C CD1 . ILE A 1 20 ? -2.733  4.853   -3.784  1.00 22.52 ? 20  ILE A CD1 1 
ATOM   148 N N   . ILE A 1 21 ? -5.001  6.663   0.711   1.00 20.19 ? 21  ILE A N   1 
ATOM   149 C CA  . ILE A 1 21 ? -5.696  6.475   1.986   1.00 19.97 ? 21  ILE A CA  1 
ATOM   150 C C   . ILE A 1 21 ? -7.201  6.622   1.788   1.00 20.63 ? 21  ILE A C   1 
ATOM   151 O O   . ILE A 1 21 ? -7.960  5.723   2.128   1.00 20.40 ? 21  ILE A O   1 
ATOM   152 C CB  . ILE A 1 21 ? -5.168  7.459   3.073   1.00 19.99 ? 21  ILE A CB  1 
ATOM   153 C CG1 . ILE A 1 21 ? -3.709  7.129   3.408   1.00 19.79 ? 21  ILE A CG1 1 
ATOM   154 C CG2 . ILE A 1 21 ? -6.035  7.430   4.347   1.00 18.46 ? 21  ILE A CG2 1 
ATOM   155 C CD1 . ILE A 1 21 ? -3.030  8.142   4.345   1.00 19.52 ? 21  ILE A CD1 1 
ATOM   156 N N   . GLY A 1 22 ? -7.610  7.743   1.190   1.00 21.89 ? 22  GLY A N   1 
ATOM   157 C CA  . GLY A 1 22 ? -9.019  8.025   0.925   1.00 22.93 ? 22  GLY A CA  1 
ATOM   158 C C   . GLY A 1 22 ? -9.702  8.563   2.171   1.00 23.86 ? 22  GLY A C   1 
ATOM   159 O O   . GLY A 1 22 ? -9.121  8.577   3.255   1.00 23.23 ? 22  GLY A O   1 
ATOM   160 N N   . ARG A 1 23 ? -10.935 9.020   1.987   1.00 25.16 ? 23  ARG A N   1 
ATOM   161 C CA  . ARG A 1 23 ? -11.789 9.540   3.050   1.00 26.59 ? 23  ARG A CA  1 
ATOM   162 C C   . ARG A 1 23 ? -11.992 8.453   4.109   1.00 25.84 ? 23  ARG A C   1 
ATOM   163 O O   . ARG A 1 23 ? -12.433 7.358   3.781   1.00 26.25 ? 23  ARG A O   1 
ATOM   164 C CB  . ARG A 1 23 ? -13.117 9.964   2.416   1.00 27.25 ? 23  ARG A CB  1 
ATOM   165 C CG  . ARG A 1 23 ? -14.021 10.837  3.256   1.00 31.54 ? 23  ARG A CG  1 
ATOM   166 C CD  . ARG A 1 23 ? -14.581 11.976  2.382   1.00 39.73 ? 23  ARG A CD  1 
ATOM   167 N NE  . ARG A 1 23 ? -15.866 12.498  2.856   1.00 46.36 ? 23  ARG A NE  1 
ATOM   168 C CZ  . ARG A 1 23 ? -16.373 13.693  2.529   1.00 48.51 ? 23  ARG A CZ  1 
ATOM   169 N NH1 . ARG A 1 23 ? -15.704 14.522  1.733   1.00 49.64 ? 23  ARG A NH1 1 
ATOM   170 N NH2 . ARG A 1 23 ? -17.552 14.064  3.012   1.00 49.28 ? 23  ARG A NH2 1 
ATOM   171 N N   . GLN A 1 24 ? -11.613 8.740   5.356   1.00 25.77 ? 24  GLN A N   1 
ATOM   172 C CA  . GLN A 1 24 ? -11.764 7.799   6.490   1.00 25.90 ? 24  GLN A CA  1 
ATOM   173 C C   . GLN A 1 24 ? -10.991 6.508   6.283   1.00 24.45 ? 24  GLN A C   1 
ATOM   174 O O   . GLN A 1 24 ? -11.342 5.484   6.879   1.00 23.31 ? 24  GLN A O   1 
ATOM   175 C CB  . GLN A 1 24 ? -13.236 7.401   6.688   1.00 26.13 ? 24  GLN A CB  1 
ATOM   176 C CG  . GLN A 1 24 ? -14.140 8.387   7.383   1.00 27.82 ? 24  GLN A CG  1 
ATOM   177 C CD  . GLN A 1 24 ? -15.575 7.877   7.404   1.00 28.32 ? 24  GLN A CD  1 
ATOM   178 O OE1 . GLN A 1 24 ? -15.825 6.646   7.478   1.00 29.59 ? 24  GLN A OE1 1 
ATOM   179 N NE2 . GLN A 1 24 ? -16.532 8.807   7.295   1.00 29.68 ? 24  GLN A NE2 1 
ATOM   180 N N   . GLY A 1 25 ? -9.985  6.549   5.404   1.00 23.59 ? 25  GLY A N   1 
ATOM   181 C CA  . GLY A 1 25 ? -9.199  5.368   5.051   1.00 22.59 ? 25  GLY A CA  1 
ATOM   182 C C   . GLY A 1 25 ? -9.949  4.350   4.190   1.00 22.20 ? 25  GLY A C   1 
ATOM   183 O O   . GLY A 1 25 ? -9.574  3.181   4.132   1.00 21.82 ? 25  GLY A O   1 
ATOM   184 N N   . ALA A 1 26 ? -11.002 4.800   3.514   1.00 22.04 ? 26  ALA A N   1 
ATOM   185 C CA  . ALA A 1 26 ? -11.831 3.921   2.688   1.00 21.96 ? 26  ALA A CA  1 
ATOM   186 C C   . ALA A 1 26 ? -11.053 3.277   1.530   1.00 21.77 ? 26  ALA A C   1 
ATOM   187 O O   . ALA A 1 26 ? -11.230 2.075   1.244   1.00 21.87 ? 26  ALA A O   1 
ATOM   188 C CB  . ALA A 1 26 ? -13.028 4.683   2.157   1.00 22.67 ? 26  ALA A CB  1 
ATOM   189 N N   . ASN A 1 27 ? -10.195 4.064   0.882   1.00 20.99 ? 27  ASN A N   1 
ATOM   190 C CA  . ASN A 1 27 ? -9.426  3.583   -0.272  1.00 20.98 ? 27  ASN A CA  1 
ATOM   191 C C   . ASN A 1 27 ? -8.426  2.510   0.117   1.00 20.31 ? 27  ASN A C   1 
ATOM   192 O O   . ASN A 1 27 ? -8.416  1.428   -0.484  1.00 20.16 ? 27  ASN A O   1 
ATOM   193 C CB  . ASN A 1 27 ? -8.767  4.743   -1.055  1.00 21.08 ? 27  ASN A CB  1 
ATOM   194 C CG  . ASN A 1 27 ? -9.794  5.694   -1.652  1.00 22.30 ? 27  ASN A CG  1 
ATOM   195 O OD1 . ASN A 1 27 ? -11.002 5.497   -1.504  1.00 24.52 ? 27  ASN A OD1 1 
ATOM   196 N ND2 . ASN A 1 27 ? -9.328  6.716   -2.318  1.00 24.76 ? 27  ASN A ND2 1 
ATOM   197 N N   . ILE A 1 28 ? -7.635  2.785   1.157   1.00 19.30 ? 28  ILE A N   1 
ATOM   198 C CA  . ILE A 1 28 ? -6.617  1.825   1.602   1.00 18.81 ? 28  ILE A CA  1 
ATOM   199 C C   . ILE A 1 28 ? -7.261  0.554   2.182   1.00 18.52 ? 28  ILE A C   1 
ATOM   200 O O   . ILE A 1 28 ? -6.759  -0.552  1.981   1.00 18.00 ? 28  ILE A O   1 
ATOM   201 C CB  . ILE A 1 28 ? -5.505  2.475   2.504   1.00 18.52 ? 28  ILE A CB  1 
ATOM   202 C CG1 . ILE A 1 28 ? -4.321  1.515   2.709   1.00 17.73 ? 28  ILE A CG1 1 
ATOM   203 C CG2 . ILE A 1 28 ? -6.078  2.968   3.843   1.00 16.64 ? 28  ILE A CG2 1 
ATOM   204 C CD1 . ILE A 1 28 ? -3.683  1.011   1.399   1.00 21.41 ? 28  ILE A CD1 1 
ATOM   205 N N   . ASN A 1 29 ? -8.398  0.720   2.850   1.00 18.20 ? 29  ASN A N   1 
ATOM   206 C CA  . ASN A 1 29 ? -9.210  -0.419  3.269   1.00 18.61 ? 29  ASN A CA  1 
ATOM   207 C C   . ASN A 1 29 ? -9.628  -1.358  2.129   1.00 18.85 ? 29  ASN A C   1 
ATOM   208 O O   . ASN A 1 29 ? -9.449  -2.580  2.229   1.00 18.84 ? 29  ASN A O   1 
ATOM   209 C CB  . ASN A 1 29 ? -10.459 0.042   4.009   1.00 18.50 ? 29  ASN A CB  1 
ATOM   210 C CG  . ASN A 1 29 ? -11.252 -1.121  4.562   1.00 19.00 ? 29  ASN A CG  1 
ATOM   211 O OD1 . ASN A 1 29 ? -10.726 -1.941  5.330   1.00 20.49 ? 29  ASN A OD1 1 
ATOM   212 N ND2 . ASN A 1 29 ? -12.515 -1.219  4.162   1.00 18.72 ? 29  ASN A ND2 1 
ATOM   213 N N   . GLU A 1 30 ? -10.192 -0.779  1.071   1.00 19.47 ? 30  GLU A N   1 
ATOM   214 C CA  . GLU A 1 30 ? -10.525 -1.483  -0.172  1.00 20.46 ? 30  GLU A CA  1 
ATOM   215 C C   . GLU A 1 30 ? -9.351  -2.240  -0.793  1.00 20.24 ? 30  GLU A C   1 
ATOM   216 O O   . GLU A 1 30 ? -9.524  -3.361  -1.269  1.00 20.41 ? 30  GLU A O   1 
ATOM   217 C CB  . GLU A 1 30 ? -11.038 -0.490  -1.207  1.00 21.12 ? 30  GLU A CB  1 
ATOM   218 C CG  . GLU A 1 30 ? -12.341 -0.904  -1.862  1.00 26.90 ? 30  GLU A CG  1 
ATOM   219 C CD  . GLU A 1 30 ? -12.732 -0.020  -3.029  1.00 33.25 ? 30  GLU A CD  1 
ATOM   220 O OE1 . GLU A 1 30 ? -12.740 1.229   -2.883  1.00 34.94 ? 30  GLU A OE1 1 
ATOM   221 O OE2 . GLU A 1 30 ? -13.036 -0.590  -4.103  1.00 37.52 ? 30  GLU A OE2 1 
ATOM   222 N N   . ILE A 1 31 ? -8.178  -1.602  -0.836  1.00 19.68 ? 31  ILE A N   1 
ATOM   223 C CA  . ILE A 1 31 ? -6.984  -2.228  -1.412  1.00 19.33 ? 31  ILE A CA  1 
ATOM   224 C C   . ILE A 1 31 ? -6.542  -3.427  -0.571  1.00 19.39 ? 31  ILE A C   1 
ATOM   225 O O   . ILE A 1 31 ? -6.207  -4.474  -1.121  1.00 19.57 ? 31  ILE A O   1 
ATOM   226 C CB  . ILE A 1 31 ? -5.815  -1.199  -1.638  1.00 19.30 ? 31  ILE A CB  1 
ATOM   227 C CG1 . ILE A 1 31 ? -6.293  -0.084  -2.593  1.00 18.34 ? 31  ILE A CG1 1 
ATOM   228 C CG2 . ILE A 1 31 ? -4.548  -1.915  -2.145  1.00 17.44 ? 31  ILE A CG2 1 
ATOM   229 C CD1 . ILE A 1 31 ? -5.501  1.179   -2.560  1.00 19.63 ? 31  ILE A CD1 1 
ATOM   230 N N   . ARG A 1 32 ? -6.568  -3.271  0.755   1.00 19.40 ? 32  ARG A N   1 
ATOM   231 C CA  . ARG A 1 32 ? -6.310  -4.371  1.679   1.00 19.99 ? 32  ARG A CA  1 
ATOM   232 C C   . ARG A 1 32 ? -7.297  -5.537  1.491   1.00 20.64 ? 32  ARG A C   1 
ATOM   233 O O   . ARG A 1 32 ? -6.880  -6.677  1.318   1.00 20.12 ? 32  ARG A O   1 
ATOM   234 C CB  . ARG A 1 32 ? -6.344  -3.878  3.120   1.00 19.61 ? 32  ARG A CB  1 
ATOM   235 C CG  . ARG A 1 32 ? -5.210  -2.954  3.469   1.00 18.80 ? 32  ARG A CG  1 
ATOM   236 C CD  . ARG A 1 32 ? -5.461  -2.356  4.837   1.00 19.56 ? 32  ARG A CD  1 
ATOM   237 N NE  . ARG A 1 32 ? -4.438  -1.392  5.235   1.00 15.78 ? 32  ARG A NE  1 
ATOM   238 C CZ  . ARG A 1 32 ? -4.679  -0.322  5.984   1.00 16.62 ? 32  ARG A CZ  1 
ATOM   239 N NH1 . ARG A 1 32 ? -5.901  -0.035  6.388   1.00 14.84 ? 32  ARG A NH1 1 
ATOM   240 N NH2 . ARG A 1 32 ? -3.693  0.491   6.301   1.00 16.05 ? 32  ARG A NH2 1 
ATOM   241 N N   . GLN A 1 33 ? -8.589  -5.232  1.516   1.00 22.24 ? 33  GLN A N   1 
ATOM   242 C CA  . GLN A 1 33 ? -9.638  -6.226  1.311   1.00 25.27 ? 33  GLN A CA  1 
ATOM   243 C C   . GLN A 1 33 ? -9.568  -6.954  -0.038  1.00 24.57 ? 33  GLN A C   1 
ATOM   244 O O   . GLN A 1 33 ? -9.691  -8.160  -0.067  1.00 25.50 ? 33  GLN A O   1 
ATOM   245 C CB  . GLN A 1 33 ? -11.024 -5.614  1.528   1.00 24.93 ? 33  GLN A CB  1 
ATOM   246 C CG  . GLN A 1 33 ? -11.575 -5.808  2.945   1.00 29.34 ? 33  GLN A CG  1 
ATOM   247 C CD  . GLN A 1 33 ? -12.920 -5.120  3.151   1.00 29.54 ? 33  GLN A CD  1 
ATOM   248 O OE1 . GLN A 1 33 ? -13.529 -4.600  2.201   1.00 35.93 ? 33  GLN A OE1 1 
ATOM   249 N NE2 . GLN A 1 33 ? -13.395 -5.112  4.405   1.00 34.85 ? 33  GLN A NE2 1 
ATOM   250 N N   . MET A 1 34 ? -9.361  -6.226  -1.132  1.00 24.86 ? 34  MET A N   1 
ATOM   251 C CA  . MET A 1 34 ? -9.287  -6.828  -2.467  1.00 25.39 ? 34  MET A CA  1 
ATOM   252 C C   . MET A 1 34 ? -8.045  -7.686  -2.645  1.00 24.56 ? 34  MET A C   1 
ATOM   253 O O   . MET A 1 34 ? -8.117  -8.775  -3.225  1.00 24.10 ? 34  MET A O   1 
ATOM   254 C CB  . MET A 1 34 ? -9.335  -5.761  -3.561  1.00 25.24 ? 34  MET A CB  1 
ATOM   255 C CG  . MET A 1 34 ? -10.721 -5.212  -3.859  1.00 26.91 ? 34  MET A CG  1 
ATOM   256 S SD  . MET A 1 34 ? -10.707 -3.959  -5.170  1.00 28.91 ? 34  MET A SD  1 
ATOM   257 C CE  . MET A 1 34 ? -12.398 -3.369  -5.030  1.00 29.63 ? 34  MET A CE  1 
ATOM   258 N N   . SER A 1 35 ? -6.907  -7.202  -2.138  1.00 23.73 ? 35  SER A N   1 
ATOM   259 C CA  . SER A 1 35 ? -5.624  -7.849  -2.410  1.00 22.44 ? 35  SER A CA  1 
ATOM   260 C C   . SER A 1 35 ? -5.364  -8.999  -1.471  1.00 22.44 ? 35  SER A C   1 
ATOM   261 O O   . SER A 1 35 ? -4.640  -9.923  -1.826  1.00 21.49 ? 35  SER A O   1 
ATOM   262 C CB  . SER A 1 35 ? -4.467  -6.846  -2.340  1.00 22.54 ? 35  SER A CB  1 
ATOM   263 O OG  . SER A 1 35 ? -4.336  -6.300  -1.038  1.00 21.28 ? 35  SER A OG  1 
ATOM   264 N N   . GLY A 1 36 ? -5.934  -8.934  -0.264  1.00 22.25 ? 36  GLY A N   1 
ATOM   265 C CA  . GLY A 1 36 ? -5.619  -9.924  0.778   1.00 22.39 ? 36  GLY A CA  1 
ATOM   266 C C   . GLY A 1 36 ? -4.224  -9.731  1.379   1.00 22.09 ? 36  GLY A C   1 
ATOM   267 O O   . GLY A 1 36 ? -3.745  -10.597 2.111   1.00 23.28 ? 36  GLY A O   1 
ATOM   268 N N   . ALA A 1 37 ? -3.576  -8.599  1.075   1.00 20.76 ? 37  ALA A N   1 
ATOM   269 C CA  . ALA A 1 37 ? -2.272  -8.266  1.641   1.00 20.37 ? 37  ALA A CA  1 
ATOM   270 C C   . ALA A 1 37 ? -2.414  -7.360  2.869   1.00 20.40 ? 37  ALA A C   1 
ATOM   271 O O   . ALA A 1 37 ? -3.351  -6.566  2.934   1.00 19.90 ? 37  ALA A O   1 
ATOM   272 C CB  . ALA A 1 37 ? -1.369  -7.599  0.584   1.00 19.34 ? 37  ALA A CB  1 
ATOM   273 N N   . GLN A 1 38 ? -1.486  -7.463  3.823   1.00 20.66 ? 38  GLN A N   1 
ATOM   274 C CA  . GLN A 1 38 ? -1.396  -6.448  4.861   1.00 22.62 ? 38  GLN A CA  1 
ATOM   275 C C   . GLN A 1 38 ? -0.592  -5.262  4.347   1.00 21.66 ? 38  GLN A C   1 
ATOM   276 O O   . GLN A 1 38 ? 0.510   -5.426  3.826   1.00 20.93 ? 38  GLN A O   1 
ATOM   277 C CB  . GLN A 1 38 ? -0.796  -6.989  6.166   1.00 23.05 ? 38  GLN A CB  1 
ATOM   278 C CG  . GLN A 1 38 ? -0.216  -5.862  7.025   1.00 26.21 ? 38  GLN A CG  1 
ATOM   279 C CD  . GLN A 1 38 ? 0.333   -6.305  8.365   1.00 27.71 ? 38  GLN A CD  1 
ATOM   280 O OE1 . GLN A 1 38 ? -0.384  -6.905  9.183   1.00 34.45 ? 38  GLN A OE1 1 
ATOM   281 N NE2 . GLN A 1 38 ? 1.612   -5.982  8.616   1.00 30.95 ? 38  GLN A NE2 1 
ATOM   282 N N   . ILE A 1 39 ? -1.167  -4.071  4.470   1.00 21.55 ? 39  ILE A N   1 
ATOM   283 C CA  . ILE A 1 39 ? -0.578  -2.879  3.907   1.00 20.93 ? 39  ILE A CA  1 
ATOM   284 C C   . ILE A 1 39 ? -0.500  -1.803  4.994   1.00 21.95 ? 39  ILE A C   1 
ATOM   285 O O   . ILE A 1 39 ? -1.522  -1.413  5.574   1.00 22.14 ? 39  ILE A O   1 
ATOM   286 C CB  . ILE A 1 39 ? -1.357  -2.366  2.661   1.00 21.06 ? 39  ILE A CB  1 
ATOM   287 C CG1 . ILE A 1 39 ? -1.535  -3.481  1.615   1.00 20.48 ? 39  ILE A CG1 1 
ATOM   288 C CG2 . ILE A 1 39 ? -0.601  -1.176  2.009   1.00 19.04 ? 39  ILE A CG2 1 
ATOM   289 C CD1 . ILE A 1 39 ? -2.573  -3.188  0.554   1.00 19.97 ? 39  ILE A CD1 1 
ATOM   290 N N   . LYS A 1 40 ? 0.718   -1.343  5.273   1.00 22.55 ? 40  LYS A N   1 
ATOM   291 C CA  . LYS A 1 40 ? 0.954   -0.371  6.338   1.00 23.38 ? 40  LYS A CA  1 
ATOM   292 C C   . LYS A 1 40 ? 1.617   0.896   5.792   1.00 23.07 ? 40  LYS A C   1 
ATOM   293 O O   . LYS A 1 40 ? 2.643   0.840   5.088   1.00 22.97 ? 40  LYS A O   1 
ATOM   294 C CB  . LYS A 1 40 ? 1.825   -0.973  7.464   1.00 23.99 ? 40  LYS A CB  1 
ATOM   295 C CG  . LYS A 1 40 ? 1.278   -2.255  8.119   1.00 26.80 ? 40  LYS A CG  1 
ATOM   296 C CD  . LYS A 1 40 ? 0.238   -1.953  9.214   1.00 31.63 ? 40  LYS A CD  1 
ATOM   297 C CE  . LYS A 1 40 ? -0.989  -2.831  9.059   1.00 33.16 ? 40  LYS A CE  1 
ATOM   298 N NZ  . LYS A 1 40 ? -2.037  -2.638  10.123  1.00 35.66 ? 40  LYS A NZ  1 
ATOM   299 N N   . ILE A 1 41 ? 1.040   2.039   6.135   1.00 22.86 ? 41  ILE A N   1 
ATOM   300 C CA  . ILE A 1 41 ? 1.617   3.335   5.752   1.00 21.97 ? 41  ILE A CA  1 
ATOM   301 C C   . ILE A 1 41 ? 2.593   3.757   6.854   1.00 21.79 ? 41  ILE A C   1 
ATOM   302 O O   . ILE A 1 41 ? 2.215   3.780   8.031   1.00 20.69 ? 41  ILE A O   1 
ATOM   303 C CB  . ILE A 1 41 ? 0.510   4.413   5.561   1.00 22.48 ? 41  ILE A CB  1 
ATOM   304 C CG1 . ILE A 1 41 ? -0.477  3.961   4.469   1.00 23.51 ? 41  ILE A CG1 1 
ATOM   305 C CG2 . ILE A 1 41 ? 1.116   5.805   5.245   1.00 19.83 ? 41  ILE A CG2 1 
ATOM   306 C CD1 . ILE A 1 41 ? -1.882  4.394   4.712   1.00 25.21 ? 41  ILE A CD1 1 
ATOM   307 N N   . ALA A 1 42 ? 3.827   4.091   6.463   1.00 21.11 ? 42  ALA A N   1 
ATOM   308 C CA  . ALA A 1 42 ? 4.839   4.531   7.427   1.00 22.02 ? 42  ALA A CA  1 
ATOM   309 C C   . ALA A 1 42 ? 4.466   5.888   8.004   1.00 22.03 ? 42  ALA A C   1 
ATOM   310 O O   . ALA A 1 42 ? 3.784   6.693   7.357   1.00 22.22 ? 42  ALA A O   1 
ATOM   311 C CB  . ALA A 1 42 ? 6.228   4.592   6.785   1.00 20.82 ? 42  ALA A CB  1 
ATOM   312 N N   . ASN A 1 43 ? 4.912   6.122   9.224   1.00 23.11 ? 43  ASN A N   1 
ATOM   313 C CA  . ASN A 1 43 ? 4.805   7.423   9.879   1.00 24.45 ? 43  ASN A CA  1 
ATOM   314 C C   . ASN A 1 43 ? 5.354   8.492   8.970   1.00 25.08 ? 43  ASN A C   1 
ATOM   315 O O   . ASN A 1 43 ? 6.411   8.299   8.359   1.00 25.84 ? 43  ASN A O   1 
ATOM   316 C CB  . ASN A 1 43 ? 5.598   7.417   11.190  1.00 24.34 ? 43  ASN A CB  1 
ATOM   317 C CG  . ASN A 1 43 ? 5.005   6.481   12.223  1.00 24.62 ? 43  ASN A CG  1 
ATOM   318 O OD1 . ASN A 1 43 ? 3.830   6.158   12.169  1.00 26.38 ? 43  ASN A OD1 1 
ATOM   319 N ND2 . ASN A 1 43 ? 5.817   6.057   13.184  1.00 25.82 ? 43  ASN A ND2 1 
ATOM   320 N N   . PRO A 1 44 ? 4.641   9.620   8.848   1.00 25.83 ? 44  PRO A N   1 
ATOM   321 C CA  . PRO A 1 44 ? 5.170   10.680  7.992   1.00 26.44 ? 44  PRO A CA  1 
ATOM   322 C C   . PRO A 1 44 ? 6.381   11.387  8.626   1.00 27.16 ? 44  PRO A C   1 
ATOM   323 O O   . PRO A 1 44 ? 6.445   11.502  9.848   1.00 27.08 ? 44  PRO A O   1 
ATOM   324 C CB  . PRO A 1 44 ? 3.994   11.649  7.847   1.00 26.42 ? 44  PRO A CB  1 
ATOM   325 C CG  . PRO A 1 44 ? 3.061   11.347  8.970   1.00 25.52 ? 44  PRO A CG  1 
ATOM   326 C CD  . PRO A 1 44 ? 3.347   9.963   9.468   1.00 25.72 ? 44  PRO A CD  1 
ATOM   327 N N   . VAL A 1 45 ? 7.334   11.818  7.797   1.00 28.04 ? 45  VAL A N   1 
ATOM   328 C CA  . VAL A 1 45 ? 8.479   12.617  8.274   1.00 29.10 ? 45  VAL A CA  1 
ATOM   329 C C   . VAL A 1 45 ? 8.505   13.985  7.597   1.00 28.60 ? 45  VAL A C   1 
ATOM   330 O O   . VAL A 1 45 ? 8.305   14.086  6.393   1.00 28.60 ? 45  VAL A O   1 
ATOM   331 C CB  . VAL A 1 45 ? 9.898   11.903  8.141   1.00 29.29 ? 45  VAL A CB  1 
ATOM   332 C CG1 . VAL A 1 45 ? 9.793   10.384  8.023   1.00 29.84 ? 45  VAL A CG1 1 
ATOM   333 C CG2 . VAL A 1 45 ? 10.739  12.485  7.001   1.00 29.98 ? 45  VAL A CG2 1 
ATOM   334 N N   . GLU A 1 46 ? 8.753   15.027  8.380   1.00 29.33 ? 46  GLU A N   1 
ATOM   335 C CA  . GLU A 1 46 ? 8.802   16.397  7.855   1.00 30.52 ? 46  GLU A CA  1 
ATOM   336 C C   . GLU A 1 46 ? 9.902   16.568  6.784   1.00 30.99 ? 46  GLU A C   1 
ATOM   337 O O   . GLU A 1 46 ? 11.028  16.091  6.953   1.00 30.30 ? 46  GLU A O   1 
ATOM   338 C CB  . GLU A 1 46 ? 8.997   17.421  8.987   1.00 30.31 ? 46  GLU A CB  1 
ATOM   339 C CG  . GLU A 1 46 ? 8.993   18.890  8.507   1.00 31.62 ? 46  GLU A CG  1 
ATOM   340 C CD  . GLU A 1 46 ? 7.629   19.376  7.974   1.00 32.60 ? 46  GLU A CD  1 
ATOM   341 O OE1 . GLU A 1 46 ? 6.579   18.926  8.471   1.00 32.69 ? 46  GLU A OE1 1 
ATOM   342 O OE2 . GLU A 1 46 ? 7.607   20.233  7.072   1.00 33.68 ? 46  GLU A OE2 1 
ATOM   343 N N   . GLY A 1 47 ? 9.533   17.225  5.691   1.00 31.75 ? 47  GLY A N   1 
ATOM   344 C CA  . GLY A 1 47 ? 10.444  17.498  4.577   1.00 34.24 ? 47  GLY A CA  1 
ATOM   345 C C   . GLY A 1 47 ? 10.850  16.305  3.715   1.00 35.35 ? 47  GLY A C   1 
ATOM   346 O O   . GLY A 1 47 ? 11.884  16.353  3.026   1.00 36.00 ? 47  GLY A O   1 
ATOM   347 N N   . SER A 1 48 ? 10.059  15.233  3.763   1.00 35.52 ? 48  SER A N   1 
ATOM   348 C CA  . SER A 1 48 ? 10.223  14.121  2.831   1.00 35.70 ? 48  SER A CA  1 
ATOM   349 C C   . SER A 1 48 ? 9.421   14.446  1.583   1.00 35.44 ? 48  SER A C   1 
ATOM   350 O O   . SER A 1 48 ? 8.510   15.269  1.631   1.00 36.00 ? 48  SER A O   1 
ATOM   351 C CB  . SER A 1 48 ? 9.727   12.814  3.448   1.00 35.93 ? 48  SER A CB  1 
ATOM   352 O OG  . SER A 1 48 ? 8.373   12.925  3.865   1.00 37.01 ? 48  SER A OG  1 
ATOM   353 N N   . SER A 1 49 ? 9.761   13.829  0.459   1.00 34.95 ? 49  SER A N   1 
ATOM   354 C CA  . SER A 1 49 ? 8.961   14.009  -0.766  1.00 34.30 ? 49  SER A CA  1 
ATOM   355 C C   . SER A 1 49 ? 8.022   12.822  -1.012  1.00 33.08 ? 49  SER A C   1 
ATOM   356 O O   . SER A 1 49 ? 7.049   12.940  -1.773  1.00 33.35 ? 49  SER A O   1 
ATOM   357 C CB  . SER A 1 49 ? 9.869   14.214  -1.976  1.00 34.68 ? 49  SER A CB  1 
ATOM   358 O OG  . SER A 1 49 ? 10.855  13.201  -2.003  1.00 36.14 ? 49  SER A OG  1 
ATOM   359 N N   . GLY A 1 50 ? 8.319   11.695  -0.357  1.00 31.28 ? 50  GLY A N   1 
ATOM   360 C CA  . GLY A 1 50 ? 7.590   10.436  -0.526  1.00 28.57 ? 50  GLY A CA  1 
ATOM   361 C C   . GLY A 1 50 ? 7.220   9.804   0.810   1.00 27.19 ? 50  GLY A C   1 
ATOM   362 O O   . GLY A 1 50 ? 7.861   10.080  1.828   1.00 27.14 ? 50  GLY A O   1 
ATOM   363 N N   . ARG A 1 51 ? 6.178   8.973   0.798   1.00 24.72 ? 51  ARG A N   1 
ATOM   364 C CA  . ARG A 1 51 ? 5.745   8.218   1.955   1.00 22.77 ? 51  ARG A CA  1 
ATOM   365 C C   . ARG A 1 51 ? 5.930   6.713   1.710   1.00 21.95 ? 51  ARG A C   1 
ATOM   366 O O   . ARG A 1 51 ? 5.475   6.169   0.686   1.00 21.40 ? 51  ARG A O   1 
ATOM   367 C CB  . ARG A 1 51 ? 4.278   8.505   2.242   1.00 23.16 ? 51  ARG A CB  1 
ATOM   368 C CG  . ARG A 1 51 ? 3.796   7.910   3.534   1.00 23.18 ? 51  ARG A CG  1 
ATOM   369 C CD  . ARG A 1 51 ? 4.200   8.727   4.784   1.00 25.99 ? 51  ARG A CD  1 
ATOM   370 N NE  . ARG A 1 51 ? 3.079   8.629   5.694   1.00 25.24 ? 51  ARG A NE  1 
ATOM   371 C CZ  . ARG A 1 51 ? 2.050   9.464   5.680   1.00 26.97 ? 51  ARG A CZ  1 
ATOM   372 N NH1 . ARG A 1 51 ? 2.037   10.522  4.869   1.00 25.70 ? 51  ARG A NH1 1 
ATOM   373 N NH2 . ARG A 1 51 ? 1.042   9.247   6.497   1.00 26.22 ? 51  ARG A NH2 1 
ATOM   374 N N   . GLN A 1 52 ? 6.607   6.059   2.652   1.00 20.52 ? 52  GLN A N   1 
ATOM   375 C CA  . GLN A 1 52 ? 6.882   4.638   2.575   1.00 19.55 ? 52  GLN A CA  1 
ATOM   376 C C   . GLN A 1 52 ? 5.652   3.833   2.939   1.00 19.39 ? 52  GLN A C   1 
ATOM   377 O O   . GLN A 1 52 ? 4.874   4.245   3.823   1.00 17.52 ? 52  GLN A O   1 
ATOM   378 C CB  . GLN A 1 52 ? 8.014   4.247   3.526   1.00 19.57 ? 52  GLN A CB  1 
ATOM   379 C CG  . GLN A 1 52 ? 9.437   4.548   3.066   1.00 18.88 ? 52  GLN A CG  1 
ATOM   380 C CD  . GLN A 1 52 ? 10.438  4.059   4.087   1.00 20.03 ? 52  GLN A CD  1 
ATOM   381 O OE1 . GLN A 1 52 ? 10.749  4.753   5.058   1.00 19.88 ? 52  GLN A OE1 1 
ATOM   382 N NE2 . GLN A 1 52 ? 10.930  2.837   3.892   1.00 20.19 ? 52  GLN A NE2 1 
ATOM   383 N N   . VAL A 1 53 ? 5.519   2.696   2.240   1.00 18.76 ? 53  VAL A N   1 
ATOM   384 C CA  . VAL A 1 53 ? 4.449   1.713   2.404   1.00 19.44 ? 53  VAL A CA  1 
ATOM   385 C C   . VAL A 1 53 ? 5.062   0.284   2.386   1.00 20.48 ? 53  VAL A C   1 
ATOM   386 O O   . VAL A 1 53 ? 5.816   -0.082  1.456   1.00 20.56 ? 53  VAL A O   1 
ATOM   387 C CB  . VAL A 1 53 ? 3.365   1.835   1.281   1.00 19.36 ? 53  VAL A CB  1 
ATOM   388 C CG1 . VAL A 1 53 ? 2.337   0.720   1.380   1.00 17.65 ? 53  VAL A CG1 1 
ATOM   389 C CG2 . VAL A 1 53 ? 2.675   3.199   1.328   1.00 18.13 ? 53  VAL A CG2 1 
ATOM   390 N N   . THR A 1 54 ? 4.800   -0.491  3.436   1.00 19.76 ? 54  THR A N   1 
ATOM   391 C CA  . THR A 1 54 ? 5.155   -1.904  3.413   1.00 20.57 ? 54  THR A CA  1 
ATOM   392 C C   . THR A 1 54 ? 3.932   -2.785  3.110   1.00 20.12 ? 54  THR A C   1 
ATOM   393 O O   . THR A 1 54 ? 2.801   -2.471  3.512   1.00 20.20 ? 54  THR A O   1 
ATOM   394 C CB  . THR A 1 54 ? 5.790   -2.360  4.721   1.00 20.32 ? 54  THR A CB  1 
ATOM   395 O OG1 . THR A 1 54 ? 4.881   -2.081  5.784   1.00 22.21 ? 54  THR A OG1 1 
ATOM   396 C CG2 . THR A 1 54 ? 7.082   -1.604  4.959   1.00 21.22 ? 54  THR A CG2 1 
ATOM   397 N N   . ILE A 1 55 ? 4.188   -3.882  2.402   1.00 19.89 ? 55  ILE A N   1 
ATOM   398 C CA  . ILE A 1 55 ? 3.154   -4.828  1.982   1.00 19.89 ? 55  ILE A CA  1 
ATOM   399 C C   . ILE A 1 55 ? 3.641   -6.239  2.305   1.00 19.93 ? 55  ILE A C   1 
ATOM   400 O O   . ILE A 1 55 ? 4.691   -6.653  1.833   1.00 19.91 ? 55  ILE A O   1 
ATOM   401 C CB  . ILE A 1 55 ? 2.852   -4.729  0.443   1.00 19.55 ? 55  ILE A CB  1 
ATOM   402 C CG1 . ILE A 1 55 ? 2.730   -3.272  -0.026  1.00 19.38 ? 55  ILE A CG1 1 
ATOM   403 C CG2 . ILE A 1 55 ? 1.580   -5.495  0.082   1.00 17.71 ? 55  ILE A CG2 1 
ATOM   404 C CD1 . ILE A 1 55 ? 2.616   -3.099  -1.560  1.00 19.27 ? 55  ILE A CD1 1 
ATOM   405 N N   . THR A 1 56 ? 2.871   -6.969  3.110   1.00 20.49 ? 56  THR A N   1 
ATOM   406 C CA  . THR A 1 56 ? 3.234   -8.319  3.495   1.00 20.85 ? 56  THR A CA  1 
ATOM   407 C C   . THR A 1 56 ? 2.128   -9.275  3.034   1.00 19.94 ? 56  THR A C   1 
ATOM   408 O O   . THR A 1 56 ? 0.949   -8.922  3.051   1.00 19.79 ? 56  THR A O   1 
ATOM   409 C CB  . THR A 1 56 ? 3.506   -8.464  5.046   1.00 21.38 ? 56  THR A CB  1 
ATOM   410 O OG1 . THR A 1 56 ? 2.270   -8.620  5.731   1.00 24.11 ? 56  THR A OG1 1 
ATOM   411 C CG2 . THR A 1 56 ? 4.246   -7.241  5.633   1.00 19.87 ? 56  THR A CG2 1 
ATOM   412 N N   . GLY A 1 57 ? 2.526   -10.481 2.633   1.00 20.15 ? 57  GLY A N   1 
ATOM   413 C CA  . GLY A 1 57 ? 1.631   -11.471 2.022   1.00 19.67 ? 57  GLY A CA  1 
ATOM   414 C C   . GLY A 1 57 ? 2.412   -12.359 1.069   1.00 19.72 ? 57  GLY A C   1 
ATOM   415 O O   . GLY A 1 57 ? 3.638   -12.340 1.057   1.00 19.66 ? 57  GLY A O   1 
ATOM   416 N N   . SER A 1 58 ? 1.722   -13.142 0.259   1.00 19.71 ? 58  SER A N   1 
ATOM   417 C CA  . SER A 1 58 ? 2.415   -13.947 -0.751  1.00 20.08 ? 58  SER A CA  1 
ATOM   418 C C   . SER A 1 58 ? 2.865   -13.011 -1.863  1.00 19.82 ? 58  SER A C   1 
ATOM   419 O O   . SER A 1 58 ? 2.374   -11.881 -1.946  1.00 20.13 ? 58  SER A O   1 
ATOM   420 C CB  . SER A 1 58 ? 1.476   -15.013 -1.324  1.00 19.49 ? 58  SER A CB  1 
ATOM   421 O OG  . SER A 1 58 ? 0.302   -14.390 -1.819  1.00 19.84 ? 58  SER A OG  1 
ATOM   422 N N   . ALA A 1 59 ? 3.747   -13.475 -2.748  1.00 19.55 ? 59  ALA A N   1 
ATOM   423 C CA  . ALA A 1 59 ? 4.093   -12.671 -3.926  1.00 19.93 ? 59  ALA A CA  1 
ATOM   424 C C   . ALA A 1 59 ? 2.861   -12.257 -4.745  1.00 20.04 ? 59  ALA A C   1 
ATOM   425 O O   . ALA A 1 59 ? 2.803   -11.133 -5.254  1.00 20.20 ? 59  ALA A O   1 
ATOM   426 C CB  . ALA A 1 59 ? 5.108   -13.393 -4.810  1.00 20.60 ? 59  ALA A CB  1 
ATOM   427 N N   . ALA A 1 60 ? 1.883   -13.156 -4.875  1.00 19.51 ? 60  ALA A N   1 
ATOM   428 C CA  . ALA A 1 60 ? 0.667   -12.865 -5.635  1.00 19.16 ? 60  ALA A CA  1 
ATOM   429 C C   . ALA A 1 60 ? -0.145  -11.719 -5.033  1.00 18.25 ? 60  ALA A C   1 
ATOM   430 O O   . ALA A 1 60 ? -0.562  -10.801 -5.728  1.00 18.29 ? 60  ALA A O   1 
ATOM   431 C CB  . ALA A 1 60 ? -0.209  -14.138 -5.767  1.00 19.27 ? 60  ALA A CB  1 
ATOM   432 N N   . SER A 1 61 ? -0.369  -11.763 -3.735  1.00 18.30 ? 61  SER A N   1 
ATOM   433 C CA  . SER A 1 61 ? -1.163  -10.731 -3.099  1.00 18.77 ? 61  SER A CA  1 
ATOM   434 C C   . SER A 1 61 ? -0.415  -9.391  -3.025  1.00 18.22 ? 61  SER A C   1 
ATOM   435 O O   . SER A 1 61 ? -1.016  -8.342  -3.131  1.00 19.26 ? 61  SER A O   1 
ATOM   436 C CB  . SER A 1 61 ? -1.738  -11.210 -1.748  1.00 18.26 ? 61  SER A CB  1 
ATOM   437 O OG  . SER A 1 61 ? -0.764  -11.198 -0.742  1.00 22.17 ? 61  SER A OG  1 
ATOM   438 N N   . ILE A 1 62 ? 0.900   -9.431  -2.921  1.00 18.94 ? 62  ILE A N   1 
ATOM   439 C CA  . ILE A 1 62 ? 1.712   -8.201  -2.984  1.00 18.39 ? 62  ILE A CA  1 
ATOM   440 C C   . ILE A 1 62 ? 1.658   -7.596  -4.385  1.00 18.24 ? 62  ILE A C   1 
ATOM   441 O O   . ILE A 1 62 ? 1.447   -6.413  -4.540  1.00 16.74 ? 62  ILE A O   1 
ATOM   442 C CB  . ILE A 1 62 ? 3.172   -8.454  -2.565  1.00 18.13 ? 62  ILE A CB  1 
ATOM   443 C CG1 . ILE A 1 62 ? 3.240   -8.759  -1.057  1.00 18.68 ? 62  ILE A CG1 1 
ATOM   444 C CG2 . ILE A 1 62 ? 4.069   -7.271  -2.960  1.00 15.42 ? 62  ILE A CG2 1 
ATOM   445 C CD1 . ILE A 1 62 ? 4.570   -9.410  -0.606  1.00 18.36 ? 62  ILE A CD1 1 
ATOM   446 N N   . SER A 1 63 ? 1.819   -8.423  -5.403  1.00 18.73 ? 63  SER A N   1 
ATOM   447 C CA  . SER A 1 63 ? 1.692   -7.941  -6.772  1.00 19.55 ? 63  SER A CA  1 
ATOM   448 C C   . SER A 1 63 ? 0.288   -7.317  -7.040  1.00 18.81 ? 63  SER A C   1 
ATOM   449 O O   . SER A 1 63 ? 0.183   -6.255  -7.638  1.00 18.65 ? 63  SER A O   1 
ATOM   450 C CB  . SER A 1 63 ? 2.004   -9.078  -7.731  1.00 19.67 ? 63  SER A CB  1 
ATOM   451 O OG  . SER A 1 63 ? 1.636   -8.706  -9.040  1.00 24.71 ? 63  SER A OG  1 
ATOM   452 N N   . LEU A 1 64 ? -0.771  -7.967  -6.555  1.00 18.40 ? 64  LEU A N   1 
ATOM   453 C CA  . LEU A 1 64 ? -2.132  -7.452  -6.658  1.00 17.97 ? 64  LEU A CA  1 
ATOM   454 C C   . LEU A 1 64 ? -2.282  -6.125  -5.919  1.00 18.29 ? 64  LEU A C   1 
ATOM   455 O O   . LEU A 1 64 ? -2.836  -5.152  -6.469  1.00 18.34 ? 64  LEU A O   1 
ATOM   456 C CB  . LEU A 1 64 ? -3.152  -8.475  -6.113  1.00 17.99 ? 64  LEU A CB  1 
ATOM   457 C CG  . LEU A 1 64 ? -4.635  -8.064  -6.176  1.00 17.40 ? 64  LEU A CG  1 
ATOM   458 C CD1 . LEU A 1 64 ? -5.051  -7.496  -7.562  1.00 17.27 ? 64  LEU A CD1 1 
ATOM   459 C CD2 . LEU A 1 64 ? -5.547  -9.236  -5.776  1.00 17.40 ? 64  LEU A CD2 1 
ATOM   460 N N   . ALA A 1 65 ? -1.786  -6.082  -4.683  1.00 17.82 ? 65  ALA A N   1 
ATOM   461 C CA  . ALA A 1 65 ? -1.798  -4.837  -3.913  1.00 18.44 ? 65  ALA A CA  1 
ATOM   462 C C   . ALA A 1 65 ? -1.095  -3.678  -4.661  1.00 18.87 ? 65  ALA A C   1 
ATOM   463 O O   . ALA A 1 65 ? -1.604  -2.543  -4.674  1.00 19.15 ? 65  ALA A O   1 
ATOM   464 C CB  . ALA A 1 65 ? -1.172  -5.054  -2.525  1.00 17.60 ? 65  ALA A CB  1 
ATOM   465 N N   . GLN A 1 66 ? 0.061   -3.957  -5.268  1.00 18.92 ? 66  GLN A N   1 
ATOM   466 C CA  . GLN A 1 66 ? 0.806   -2.940  -6.038  1.00 20.01 ? 66  GLN A CA  1 
ATOM   467 C C   . GLN A 1 66 ? 0.006   -2.468  -7.248  1.00 19.69 ? 66  GLN A C   1 
ATOM   468 O O   . GLN A 1 66 ? -0.099  -1.266  -7.514  1.00 19.78 ? 66  GLN A O   1 
ATOM   469 C CB  . GLN A 1 66 ? 2.140   -3.495  -6.529  1.00 20.29 ? 66  GLN A CB  1 
ATOM   470 C CG  . GLN A 1 66 ? 3.278   -3.374  -5.553  1.00 24.90 ? 66  GLN A CG  1 
ATOM   471 C CD  . GLN A 1 66 ? 4.537   -4.067  -6.057  1.00 28.05 ? 66  GLN A CD  1 
ATOM   472 O OE1 . GLN A 1 66 ? 4.661   -5.288  -5.980  1.00 32.22 ? 66  GLN A OE1 1 
ATOM   473 N NE2 . GLN A 1 66 ? 5.459   -3.297  -6.588  1.00 29.09 ? 66  GLN A NE2 1 
ATOM   474 N N   . TYR A 1 67 ? -0.533  -3.426  -7.990  1.00 19.58 ? 67  TYR A N   1 
ATOM   475 C CA  . TYR A 1 67 ? -1.426  -3.119  -9.089  1.00 20.70 ? 67  TYR A CA  1 
ATOM   476 C C   . TYR A 1 67 ? -2.601  -2.211  -8.672  1.00 20.51 ? 67  TYR A C   1 
ATOM   477 O O   . TYR A 1 67 ? -2.904  -1.247  -9.360  1.00 20.74 ? 67  TYR A O   1 
ATOM   478 C CB  . TYR A 1 67 ? -1.926  -4.398  -9.772  1.00 20.99 ? 67  TYR A CB  1 
ATOM   479 C CG  . TYR A 1 67 ? -2.697  -4.052  -10.994 1.00 23.19 ? 67  TYR A CG  1 
ATOM   480 C CD1 . TYR A 1 67 ? -2.047  -3.851  -12.216 1.00 24.73 ? 67  TYR A CD1 1 
ATOM   481 C CD2 . TYR A 1 67 ? -4.082  -3.837  -10.927 1.00 24.34 ? 67  TYR A CD2 1 
ATOM   482 C CE1 . TYR A 1 67 ? -2.768  -3.475  -13.351 1.00 26.88 ? 67  TYR A CE1 1 
ATOM   483 C CE2 . TYR A 1 67 ? -4.797  -3.472  -12.038 1.00 24.87 ? 67  TYR A CE2 1 
ATOM   484 C CZ  . TYR A 1 67 ? -4.143  -3.308  -13.249 1.00 24.94 ? 67  TYR A CZ  1 
ATOM   485 O OH  . TYR A 1 67 ? -4.874  -2.925  -14.343 1.00 25.74 ? 67  TYR A OH  1 
ATOM   486 N N   . LEU A 1 68 ? -3.236  -2.516  -7.536  1.00 21.04 ? 68  LEU A N   1 
ATOM   487 C CA  . LEU A 1 68 ? -4.380  -1.736  -7.028  1.00 20.45 ? 68  LEU A CA  1 
ATOM   488 C C   . LEU A 1 68 ? -3.997  -0.337  -6.585  1.00 20.74 ? 68  LEU A C   1 
ATOM   489 O O   . LEU A 1 68 ? -4.771  0.619   -6.764  1.00 20.59 ? 68  LEU A O   1 
ATOM   490 C CB  . LEU A 1 68 ? -5.083  -2.477  -5.887  1.00 19.90 ? 68  LEU A CB  1 
ATOM   491 C CG  . LEU A 1 68 ? -5.765  -3.798  -6.282  1.00 20.23 ? 68  LEU A CG  1 
ATOM   492 C CD1 . LEU A 1 68 ? -6.472  -4.454  -5.077  1.00 17.83 ? 68  LEU A CD1 1 
ATOM   493 C CD2 . LEU A 1 68 ? -6.757  -3.557  -7.433  1.00 18.99 ? 68  LEU A CD2 1 
ATOM   494 N N   . ILE A 1 69 ? -2.793  -0.218  -6.029  1.00 20.96 ? 69  ILE A N   1 
ATOM   495 C CA  . ILE A 1 69 ? -2.253  1.076   -5.605  1.00 21.16 ? 69  ILE A CA  1 
ATOM   496 C C   . ILE A 1 69 ? -2.099  1.950   -6.826  1.00 22.93 ? 69  ILE A C   1 
ATOM   497 O O   . ILE A 1 69 ? -2.593  3.083   -6.840  1.00 23.13 ? 69  ILE A O   1 
ATOM   498 C CB  . ILE A 1 69 ? -0.918  0.924   -4.796  1.00 20.53 ? 69  ILE A CB  1 
ATOM   499 C CG1 . ILE A 1 69 ? -1.216  0.442   -3.374  1.00 18.80 ? 69  ILE A CG1 1 
ATOM   500 C CG2 . ILE A 1 69 ? -0.079  2.237   -4.779  1.00 20.20 ? 69  ILE A CG2 1 
ATOM   501 C CD1 . ILE A 1 69 ? -0.026  -0.320  -2.695  1.00 20.73 ? 69  ILE A CD1 1 
ATOM   502 N N   . ASN A 1 70 ? -1.440  1.410   -7.856  1.00 24.14 ? 70  ASN A N   1 
ATOM   503 C CA  . ASN A 1 70 ? -1.320  2.068   -9.170  1.00 25.61 ? 70  ASN A CA  1 
ATOM   504 C C   . ASN A 1 70 ? -2.643  2.468   -9.807  1.00 25.88 ? 70  ASN A C   1 
ATOM   505 O O   . ASN A 1 70 ? -2.764  3.582   -10.310 1.00 25.81 ? 70  ASN A O   1 
ATOM   506 C CB  . ASN A 1 70 ? -0.562  1.173   -10.149 1.00 25.85 ? 70  ASN A CB  1 
ATOM   507 C CG  . ASN A 1 70 ? 0.906   1.010   -9.782  1.00 28.57 ? 70  ASN A CG  1 
ATOM   508 O OD1 . ASN A 1 70 ? 1.550   0.048   -10.196 1.00 30.15 ? 70  ASN A OD1 1 
ATOM   509 N ND2 . ASN A 1 70 ? 1.439   1.948   -9.010  1.00 29.71 ? 70  ASN A ND2 1 
ATOM   510 N N   . ALA A 1 71 ? -3.611  1.544   -9.793  1.00 26.50 ? 71  ALA A N   1 
ATOM   511 C CA  . ALA A 1 71 ? -4.956  1.774   -10.327 1.00 27.60 ? 71  ALA A CA  1 
ATOM   512 C C   . ALA A 1 71 ? -5.680  2.934   -9.615  1.00 28.88 ? 71  ALA A C   1 
ATOM   513 O O   . ALA A 1 71 ? -6.388  3.717   -10.248 1.00 29.11 ? 71  ALA A O   1 
ATOM   514 C CB  . ALA A 1 71 ? -5.794  0.476   -10.239 1.00 27.07 ? 71  ALA A CB  1 
ATOM   515 N N   . ARG A 1 72 ? -5.488  3.026   -8.297  1.00 30.05 ? 72  ARG A N   1 
ATOM   516 C CA  . ARG A 1 72 ? -6.080  4.066   -7.463  1.00 31.44 ? 72  ARG A CA  1 
ATOM   517 C C   . ARG A 1 72 ? -5.507  5.443   -7.834  1.00 32.72 ? 72  ARG A C   1 
ATOM   518 O O   . ARG A 1 72 ? -6.194  6.467   -7.736  1.00 33.28 ? 72  ARG A O   1 
ATOM   519 C CB  . ARG A 1 72 ? -5.863  3.735   -5.970  1.00 30.79 ? 72  ARG A CB  1 
ATOM   520 C CG  . ARG A 1 72 ? -6.671  4.584   -4.996  1.00 31.49 ? 72  ARG A CG  1 
ATOM   521 C CD  . ARG A 1 72 ? -8.190  4.328   -5.089  1.00 32.90 ? 72  ARG A CD  1 
ATOM   522 N NE  . ARG A 1 72 ? -8.538  2.909   -4.891  1.00 33.46 ? 72  ARG A NE  1 
ATOM   523 C CZ  . ARG A 1 72 ? -9.707  2.473   -4.420  1.00 33.72 ? 72  ARG A CZ  1 
ATOM   524 N NH1 . ARG A 1 72 ? -10.663 3.331   -4.074  1.00 33.75 ? 72  ARG A NH1 1 
ATOM   525 N NH2 . ARG A 1 72 ? -9.923  1.174   -4.287  1.00 35.42 ? 72  ARG A NH2 1 
ATOM   526 N N   . LEU A 1 73 ? -4.266  5.452   -8.297  1.00 34.16 ? 73  LEU A N   1 
ATOM   527 C CA  . LEU A 1 73 ? -3.592  6.681   -8.706  1.00 35.70 ? 73  LEU A CA  1 
ATOM   528 C C   . LEU A 1 73 ? -3.866  7.112   -10.145 1.00 37.26 ? 73  LEU A C   1 
ATOM   529 O O   . LEU A 1 73 ? -3.262  8.089   -10.611 1.00 37.81 ? 73  LEU A O   1 
ATOM   530 C CB  . LEU A 1 73 ? -2.083  6.553   -8.488  1.00 35.25 ? 73  LEU A CB  1 
ATOM   531 C CG  . LEU A 1 73 ? -1.579  6.381   -7.057  1.00 34.56 ? 73  LEU A CG  1 
ATOM   532 C CD1 . LEU A 1 73 ? -0.082  6.206   -7.088  1.00 33.44 ? 73  LEU A CD1 1 
ATOM   533 C CD2 . LEU A 1 73 ? -1.948  7.585   -6.207  1.00 32.85 ? 73  LEU A CD2 1 
ATOM   534 N N   . SER A 1 74 ? -4.748  6.383   -10.845 1.00 38.45 ? 74  SER A N   1 
ATOM   535 C CA  . SER A 1 74 ? -5.232  6.763   -12.186 1.00 39.62 ? 74  SER A CA  1 
ATOM   536 C C   . SER A 1 74 ? -6.632  7.372   -12.097 1.00 40.26 ? 74  SER A C   1 
ATOM   537 O O   . SER A 1 74 ? -7.573  6.726   -11.609 1.00 40.82 ? 74  SER A O   1 
ATOM   538 C CB  . SER A 1 74 ? -5.268  5.560   -13.138 1.00 39.84 ? 74  SER A CB  1 
ATOM   539 O OG  . SER A 1 74 ? -3.968  5.032   -13.360 1.00 41.18 ? 74  SER A OG  1 
HETATM 540 O O   . HOH B 2 .  ? -3.227  -4.192  6.417   1.00 20.71 ? 83  HOH A O   1 
HETATM 541 O O   . HOH B 2 .  ? -1.263  1.958   7.764   1.00 15.93 ? 84  HOH A O   1 
HETATM 542 O O   . HOH B 2 .  ? 5.116   -7.335  -7.248  1.00 33.94 ? 85  HOH A O   1 
HETATM 543 O O   . HOH B 2 .  ? -8.340  -1.617  6.701   1.00 19.16 ? 86  HOH A O   1 
HETATM 544 O O   . HOH B 2 .  ? 2.980   -4.308  5.674   1.00 23.93 ? 87  HOH A O   1 
HETATM 545 O O   . HOH B 2 .  ? 2.377   -16.048 -4.689  1.00 23.59 ? 88  HOH A O   1 
HETATM 546 O O   . HOH B 2 .  ? 7.070   10.494  5.067   1.00 28.25 ? 89  HOH A O   1 
HETATM 547 O O   . HOH B 2 .  ? -6.711  -4.950  -14.949 1.00 22.22 ? 90  HOH A O   1 
HETATM 548 O O   . HOH B 2 .  ? 7.583   7.844   5.071   1.00 27.92 ? 91  HOH A O   1 
HETATM 549 O O   . HOH B 2 .  ? 4.876   -9.619  -6.129  1.00 32.53 ? 92  HOH A O   1 
HETATM 550 O O   . HOH B 2 .  ? 5.347   -15.568 -2.061  1.00 23.96 ? 93  HOH A O   1 
HETATM 551 O O   . HOH B 2 .  ? -1.927  -11.297 -8.138  1.00 30.79 ? 94  HOH A O   1 
HETATM 552 O O   . HOH B 2 .  ? 9.124   2.861   -4.918  1.00 32.00 ? 95  HOH A O   1 
HETATM 553 O O   . HOH B 2 .  ? 1.404   -5.602  -10.297 1.00 36.53 ? 96  HOH A O   1 
HETATM 554 O O   . HOH B 2 .  ? -13.466 0.623   2.287   1.00 24.05 ? 97  HOH A O   1 
HETATM 555 O O   . HOH B 2 .  ? 11.127  6.904   0.585   1.00 28.39 ? 98  HOH A O   1 
HETATM 556 O O   . HOH B 2 .  ? 3.996   -23.766 3.832   1.00 41.40 ? 99  HOH A O   1 
HETATM 557 O O   . HOH B 2 .  ? -12.541 3.278   6.024   1.00 31.86 ? 100 HOH A O   1 
HETATM 558 O O   . HOH B 2 .  ? 1.567   -2.713  -10.561 1.00 37.19 ? 101 HOH A O   1 
HETATM 559 O O   . HOH B 2 .  ? -4.115  0.347   9.466   1.00 29.90 ? 102 HOH A O   1 
HETATM 560 O O   . HOH B 2 .  ? -10.744 -10.415 -3.277  1.00 39.02 ? 103 HOH A O   1 
HETATM 561 O O   . HOH B 2 .  ? -15.408 4.230   6.310   1.00 36.94 ? 104 HOH A O   1 
HETATM 562 O O   . HOH B 2 .  ? 8.111   -15.296 -1.512  1.00 33.90 ? 105 HOH A O   1 
HETATM 563 O O   . HOH B 2 .  ? -4.071  -2.056  -16.421 1.00 30.17 ? 106 HOH A O   1 
HETATM 564 O O   . HOH B 2 .  ? -8.990  8.081   -9.924  1.00 44.83 ? 107 HOH A O   1 
HETATM 565 O O   . HOH B 2 .  ? -12.232 -2.853  7.901   1.00 30.78 ? 108 HOH A O   1 
HETATM 566 O O   . HOH B 2 .  ? -1.541  -12.881 1.117   1.00 24.12 ? 109 HOH A O   1 
HETATM 567 O O   . HOH B 2 .  ? -8.946  -9.952  1.786   1.00 35.08 ? 110 HOH A O   1 
HETATM 568 O O   . HOH B 2 .  ? -15.114 6.963   3.403   1.00 39.04 ? 111 HOH A O   1 
HETATM 569 O O   . HOH B 2 .  ? -11.655 9.141   -0.913  1.00 37.16 ? 112 HOH A O   1 
HETATM 570 O O   . HOH B 2 .  ? 8.765   9.698   -3.968  1.00 31.69 ? 113 HOH A O   1 
HETATM 571 O O   . HOH B 2 .  ? -1.748  -15.781 -2.795  1.00 34.83 ? 114 HOH A O   1 
HETATM 572 O O   . HOH B 2 .  ? 11.750  12.187  1.124   1.00 43.50 ? 115 HOH A O   1 
HETATM 573 O O   . HOH B 2 .  ? -8.025  -4.767  6.497   1.00 30.77 ? 116 HOH A O   1 
HETATM 574 O O   . HOH B 2 .  ? -10.991 6.165   -5.395  1.00 33.58 ? 117 HOH A O   1 
HETATM 575 O O   . HOH B 2 .  ? 1.686   -15.725 1.969   1.00 37.36 ? 118 HOH A O   1 
HETATM 576 O O   . HOH B 2 .  ? -0.642  14.127  -9.846  1.00 38.04 ? 119 HOH A O   1 
HETATM 577 O O   . HOH B 2 .  ? 0.279   -10.123 5.783   1.00 34.08 ? 120 HOH A O   1 
HETATM 578 O O   . HOH B 2 .  ? 9.935   8.531   2.552   1.00 33.32 ? 121 HOH A O   1 
HETATM 579 O O   . HOH B 2 .  ? -11.460 8.929   -3.339  1.00 33.94 ? 122 HOH A O   1 
HETATM 580 O O   . HOH B 2 .  ? -8.597  11.534  4.452   1.00 39.39 ? 123 HOH A O   1 
HETATM 581 O O   . HOH B 2 .  ? -5.354  -5.941  6.194   1.00 33.08 ? 124 HOH A O   1 
HETATM 582 O O   . HOH B 2 .  ? -0.087  11.590  -10.938 1.00 34.25 ? 125 HOH A O   1 
HETATM 583 O O   . HOH B 2 .  ? -4.122  -2.438  8.703   1.00 37.75 ? 126 HOH A O   1 
HETATM 584 O O   . HOH B 2 .  ? -12.505 -0.109  7.936   1.00 31.24 ? 127 HOH A O   1 
HETATM 585 O O   . HOH B 2 .  ? -5.699  -7.537  4.159   1.00 25.79 ? 128 HOH A O   1 
HETATM 586 O O   . HOH B 2 .  ? -8.106  9.026   -5.531  1.00 32.91 ? 129 HOH A O   1 
HETATM 587 O O   . HOH B 2 .  ? 7.831   6.629   -5.965  1.00 34.48 ? 130 HOH A O   1 
HETATM 588 O O   . HOH B 2 .  ? -9.574  -5.114  4.915   1.00 48.27 ? 131 HOH A O   1 
HETATM 589 O O   . HOH B 2 .  ? -1.547  13.636  -0.664  1.00 29.10 ? 132 HOH A O   1 
HETATM 590 O O   . HOH B 2 .  ? -7.869  2.779   -12.471 1.00 44.47 ? 133 HOH A O   1 
HETATM 591 O O   . HOH B 2 .  ? -15.428 2.009   7.403   1.00 35.22 ? 134 HOH A O   1 
HETATM 592 O O   . HOH B 2 .  ? 5.671   -3.291  8.462   1.00 41.35 ? 135 HOH A O   1 
HETATM 593 O O   . HOH B 2 .  ? -13.128 10.727  7.407   1.00 37.38 ? 136 HOH A O   1 
HETATM 594 O O   . HOH B 2 .  ? 13.051  13.898  4.729   1.00 47.71 ? 137 HOH A O   1 
# 
loop_
_pdbx_poly_seq_scheme.asym_id 
_pdbx_poly_seq_scheme.entity_id 
_pdbx_poly_seq_scheme.seq_id 
_pdbx_poly_seq_scheme.mon_id 
_pdbx_poly_seq_scheme.ndb_seq_num 
_pdbx_poly_seq_scheme.pdb_seq_num 
_pdbx_poly_seq_scheme.auth_seq_num 
_pdbx_poly_seq_scheme.pdb_mon_id 
_pdbx_poly_seq_scheme.auth_mon_id 
_pdbx_poly_seq_scheme.pdb_strand_id 
_pdbx_poly_seq_scheme.pdb_ins_code 
_pdbx_poly_seq_scheme.hetero 
A 1 1  PRO 1  1  1  PRO PRO A . n 
A 1 2  LEU 2  2  2  LEU LEU A . n 
A 1 3  GLY 3  3  3  GLY GLY A . n 
A 1 4  SER 4  4  4  SER SER A . n 
A 1 5  GLN 5  5  5  GLN GLN A . n 
A 1 6  THR 6  6  6  THR THR A . n 
A 1 7  THR 7  7  7  THR THR A . n 
A 1 8  HIS 8  8  8  HIS HIS A . n 
A 1 9  GLU 9  9  9  GLU GLU A . n 
A 1 10 LEU 10 10 10 LEU LEU A . n 
A 1 11 THR 11 11 11 THR THR A . n 
A 1 12 ILE 12 12 12 ILE ILE A . n 
A 1 13 PRO 13 13 13 PRO PRO A . n 
A 1 14 ASN 14 14 14 ASN ASN A . n 
A 1 15 ASN 15 15 15 ASN ASN A . n 
A 1 16 LEU 16 16 16 LEU LEU A . n 
A 1 17 ILE 17 17 17 ILE ILE A . n 
A 1 18 GLY 18 18 18 GLY GLY A . n 
A 1 19 CYS 19 19 19 CYS CYS A . n 
A 1 20 ILE 20 20 20 ILE ILE A . n 
A 1 21 ILE 21 21 21 ILE ILE A . n 
A 1 22 GLY 22 22 22 GLY GLY A . n 
A 1 23 ARG 23 23 23 ARG ARG A . n 
A 1 24 GLN 24 24 24 GLN GLN A . n 
A 1 25 GLY 25 25 25 GLY GLY A . n 
A 1 26 ALA 26 26 26 ALA ALA A . n 
A 1 27 ASN 27 27 27 ASN ASN A . n 
A 1 28 ILE 28 28 28 ILE ILE A . n 
A 1 29 ASN 29 29 29 ASN ASN A . n 
A 1 30 GLU 30 30 30 GLU GLU A . n 
A 1 31 ILE 31 31 31 ILE ILE A . n 
A 1 32 ARG 32 32 32 ARG ARG A . n 
A 1 33 GLN 33 33 33 GLN GLN A . n 
A 1 34 MET 34 34 34 MET MET A . n 
A 1 35 SER 35 35 35 SER SER A . n 
A 1 36 GLY 36 36 36 GLY GLY A . n 
A 1 37 ALA 37 37 37 ALA ALA A . n 
A 1 38 GLN 38 38 38 GLN GLN A . n 
A 1 39 ILE 39 39 39 ILE ILE A . n 
A 1 40 LYS 40 40 40 LYS LYS A . n 
A 1 41 ILE 41 41 41 ILE ILE A . n 
A 1 42 ALA 42 42 42 ALA ALA A . n 
A 1 43 ASN 43 43 43 ASN ASN A . n 
A 1 44 PRO 44 44 44 PRO PRO A . n 
A 1 45 VAL 45 45 45 VAL VAL A . n 
A 1 46 GLU 46 46 46 GLU GLU A . n 
A 1 47 GLY 47 47 47 GLY GLY A . n 
A 1 48 SER 48 48 48 SER SER A . n 
A 1 49 SER 49 49 49 SER SER A . n 
A 1 50 GLY 50 50 50 GLY GLY A . n 
A 1 51 ARG 51 51 51 ARG ARG A . n 
A 1 52 GLN 52 52 52 GLN GLN A . n 
A 1 53 VAL 53 53 53 VAL VAL A . n 
A 1 54 THR 54 54 54 THR THR A . n 
A 1 55 ILE 55 55 55 ILE ILE A . n 
A 1 56 THR 56 56 56 THR THR A . n 
A 1 57 GLY 57 57 57 GLY GLY A . n 
A 1 58 SER 58 58 58 SER SER A . n 
A 1 59 ALA 59 59 59 ALA ALA A . n 
A 1 60 ALA 60 60 60 ALA ALA A . n 
A 1 61 SER 61 61 61 SER SER A . n 
A 1 62 ILE 62 62 62 ILE ILE A . n 
A 1 63 SER 63 63 63 SER SER A . n 
A 1 64 LEU 64 64 64 LEU LEU A . n 
A 1 65 ALA 65 65 65 ALA ALA A . n 
A 1 66 GLN 66 66 66 GLN GLN A . n 
A 1 67 TYR 67 67 67 TYR TYR A . n 
A 1 68 LEU 68 68 68 LEU LEU A . n 
A 1 69 ILE 69 69 69 ILE ILE A . n 
A 1 70 ASN 70 70 70 ASN ASN A . n 
A 1 71 ALA 71 71 71 ALA ALA A . n 
A 1 72 ARG 72 72 72 ARG ARG A . n 
A 1 73 LEU 73 73 73 LEU LEU A . n 
A 1 74 SER 74 74 74 SER SER A . n 
A 1 75 SER 75 75 ?  ?   ?   A . n 
A 1 76 GLU 76 76 ?  ?   ?   A . n 
A 1 77 LYS 77 77 ?  ?   ?   A . n 
A 1 78 GLY 78 78 ?  ?   ?   A . n 
A 1 79 MET 79 79 ?  ?   ?   A . n 
A 1 80 GLY 80 80 ?  ?   ?   A . n 
A 1 81 CYS 81 81 ?  ?   ?   A . n 
A 1 82 SER 82 82 ?  ?   ?   A . n 
# 
loop_
_pdbx_nonpoly_scheme.asym_id 
_pdbx_nonpoly_scheme.entity_id 
_pdbx_nonpoly_scheme.mon_id 
_pdbx_nonpoly_scheme.ndb_seq_num 
_pdbx_nonpoly_scheme.pdb_seq_num 
_pdbx_nonpoly_scheme.auth_seq_num 
_pdbx_nonpoly_scheme.pdb_mon_id 
_pdbx_nonpoly_scheme.auth_mon_id 
_pdbx_nonpoly_scheme.pdb_strand_id 
_pdbx_nonpoly_scheme.pdb_ins_code 
B 2 HOH 1  83  1  HOH HOH A . 
B 2 HOH 2  84  2  HOH HOH A . 
B 2 HOH 3  85  3  HOH HOH A . 
B 2 HOH 4  86  4  HOH HOH A . 
B 2 HOH 5  87  5  HOH HOH A . 
B 2 HOH 6  88  6  HOH HOH A . 
B 2 HOH 7  89  7  HOH HOH A . 
B 2 HOH 8  90  8  HOH HOH A . 
B 2 HOH 9  91  9  HOH HOH A . 
B 2 HOH 10 92  10 HOH HOH A . 
B 2 HOH 11 93  11 HOH HOH A . 
B 2 HOH 12 94  12 HOH HOH A . 
B 2 HOH 13 95  13 HOH HOH A . 
B 2 HOH 14 96  14 HOH HOH A . 
B 2 HOH 15 97  15 HOH HOH A . 
B 2 HOH 16 98  16 HOH HOH A . 
B 2 HOH 17 99  17 HOH HOH A . 
B 2 HOH 18 100 18 HOH HOH A . 
B 2 HOH 19 101 19 HOH HOH A . 
B 2 HOH 20 102 20 HOH HOH A . 
B 2 HOH 21 103 21 HOH HOH A . 
B 2 HOH 22 104 22 HOH HOH A . 
B 2 HOH 23 105 23 HOH HOH A . 
B 2 HOH 24 106 24 HOH HOH A . 
B 2 HOH 25 107 25 HOH HOH A . 
B 2 HOH 26 108 26 HOH HOH A . 
B 2 HOH 27 109 27 HOH HOH A . 
B 2 HOH 28 110 28 HOH HOH A . 
B 2 HOH 29 111 29 HOH HOH A . 
B 2 HOH 30 112 30 HOH HOH A . 
B 2 HOH 31 113 31 HOH HOH A . 
B 2 HOH 32 114 32 HOH HOH A . 
B 2 HOH 33 115 33 HOH HOH A . 
B 2 HOH 34 116 34 HOH HOH A . 
B 2 HOH 35 117 35 HOH HOH A . 
B 2 HOH 36 118 36 HOH HOH A . 
B 2 HOH 37 119 37 HOH HOH A . 
B 2 HOH 38 120 38 HOH HOH A . 
B 2 HOH 39 121 39 HOH HOH A . 
B 2 HOH 40 122 40 HOH HOH A . 
B 2 HOH 41 123 41 HOH HOH A . 
B 2 HOH 42 124 42 HOH HOH A . 
B 2 HOH 43 125 43 HOH HOH A . 
B 2 HOH 44 126 44 HOH HOH A . 
B 2 HOH 45 127 45 HOH HOH A . 
B 2 HOH 46 128 46 HOH HOH A . 
B 2 HOH 47 129 47 HOH HOH A . 
B 2 HOH 48 130 48 HOH HOH A . 
B 2 HOH 49 131 50 HOH HOH A . 
B 2 HOH 50 132 51 HOH HOH A . 
B 2 HOH 51 133 52 HOH HOH A . 
B 2 HOH 52 134 53 HOH HOH A . 
B 2 HOH 53 135 54 HOH HOH A . 
B 2 HOH 54 136 55 HOH HOH A . 
B 2 HOH 55 137 56 HOH HOH A . 
# 
_pdbx_struct_assembly.id                   1 
_pdbx_struct_assembly.details              author_defined_assembly 
_pdbx_struct_assembly.method_details       ? 
_pdbx_struct_assembly.oligomeric_details   monomeric 
_pdbx_struct_assembly.oligomeric_count     1 
# 
_pdbx_struct_assembly_gen.assembly_id       1 
_pdbx_struct_assembly_gen.oper_expression   1 
_pdbx_struct_assembly_gen.asym_id_list      A,B 
# 
_pdbx_struct_oper_list.id                   1 
_pdbx_struct_oper_list.type                 'identity operation' 
_pdbx_struct_oper_list.name                 1_555 
_pdbx_struct_oper_list.symmetry_operation   x,y,z 
_pdbx_struct_oper_list.matrix[1][1]         1.0000000000 
_pdbx_struct_oper_list.matrix[1][2]         0.0000000000 
_pdbx_struct_oper_list.matrix[1][3]         0.0000000000 
_pdbx_struct_oper_list.vector[1]            0.0000000000 
_pdbx_struct_oper_list.matrix[2][1]         0.0000000000 
_pdbx_struct_oper_list.matrix[2][2]         1.0000000000 
_pdbx_struct_oper_list.matrix[2][3]         0.0000000000 
_pdbx_struct_oper_list.vector[2]            0.0000000000 
_pdbx_struct_oper_list.matrix[3][1]         0.0000000000 
_pdbx_struct_oper_list.matrix[3][2]         0.0000000000 
_pdbx_struct_oper_list.matrix[3][3]         1.0000000000 
_pdbx_struct_oper_list.vector[3]            0.0000000000 
# 
loop_
_pdbx_audit_revision_history.ordinal 
_pdbx_audit_revision_history.data_content_type 
_pdbx_audit_revision_history.major_revision 
_pdbx_audit_revision_history.minor_revision 
_pdbx_audit_revision_history.revision_date 
1 'Structure model' 1 0 2005-04-05 
2 'Structure model' 1 1 2008-04-30 
3 'Structure model' 1 2 2011-07-13 
4 'Structure model' 1 3 2017-10-11 
5 'Structure model' 1 4 2019-01-23 
6 'Structure model' 1 5 2023-10-25 
# 
_pdbx_audit_revision_details.ordinal             1 
_pdbx_audit_revision_details.revision_ordinal    1 
_pdbx_audit_revision_details.data_content_type   'Structure model' 
_pdbx_audit_revision_details.provider            repository 
_pdbx_audit_revision_details.type                'Initial release' 
_pdbx_audit_revision_details.description         ? 
_pdbx_audit_revision_details.details             ? 
# 
loop_
_pdbx_audit_revision_group.ordinal 
_pdbx_audit_revision_group.revision_ordinal 
_pdbx_audit_revision_group.data_content_type 
_pdbx_audit_revision_group.group 
1 2 'Structure model' 'Version format compliance' 
2 3 'Structure model' 'Version format compliance' 
3 4 'Structure model' 'Refinement description'    
4 5 'Structure model' 'Data collection'           
5 5 'Structure model' 'Structure summary'         
6 6 'Structure model' 'Data collection'           
7 6 'Structure model' 'Database references'       
8 6 'Structure model' 'Refinement description'    
# 
loop_
_pdbx_audit_revision_category.ordinal 
_pdbx_audit_revision_category.revision_ordinal 
_pdbx_audit_revision_category.data_content_type 
_pdbx_audit_revision_category.category 
1 4 'Structure model' software                      
2 5 'Structure model' struct                        
3 6 'Structure model' chem_comp_atom                
4 6 'Structure model' chem_comp_bond                
5 6 'Structure model' database_2                    
6 6 'Structure model' pdbx_initial_refinement_model 
7 6 'Structure model' struct_ref_seq_dif            
# 
loop_
_pdbx_audit_revision_item.ordinal 
_pdbx_audit_revision_item.revision_ordinal 
_pdbx_audit_revision_item.data_content_type 
_pdbx_audit_revision_item.item 
1 5 'Structure model' '_struct.title'                       
2 6 'Structure model' '_database_2.pdbx_DOI'                
3 6 'Structure model' '_database_2.pdbx_database_accession' 
4 6 'Structure model' '_struct_ref_seq_dif.details'         
# 
loop_
_software.name 
_software.classification 
_software.version 
_software.citation_id 
_software.pdbx_ordinal 
REFMAC    refinement     5.2.0005 ? 1 
SCALEPACK 'data scaling' .        ? 2 
AMoRE     phasing        .        ? 3 
# 
_pdbx_validate_symm_contact.id                1 
_pdbx_validate_symm_contact.PDB_model_num     1 
_pdbx_validate_symm_contact.auth_atom_id_1    O 
_pdbx_validate_symm_contact.auth_asym_id_1    A 
_pdbx_validate_symm_contact.auth_comp_id_1    HOH 
_pdbx_validate_symm_contact.auth_seq_id_1     119 
_pdbx_validate_symm_contact.PDB_ins_code_1    ? 
_pdbx_validate_symm_contact.label_alt_id_1    ? 
_pdbx_validate_symm_contact.site_symmetry_1   1_555 
_pdbx_validate_symm_contact.auth_atom_id_2    O 
_pdbx_validate_symm_contact.auth_asym_id_2    A 
_pdbx_validate_symm_contact.auth_comp_id_2    HOH 
_pdbx_validate_symm_contact.auth_seq_id_2     120 
_pdbx_validate_symm_contact.PDB_ins_code_2    ? 
_pdbx_validate_symm_contact.label_alt_id_2    ? 
_pdbx_validate_symm_contact.site_symmetry_2   1_556 
_pdbx_validate_symm_contact.dist              2.13 
# 
loop_
_pdbx_unobs_or_zero_occ_residues.id 
_pdbx_unobs_or_zero_occ_residues.PDB_model_num 
_pdbx_unobs_or_zero_occ_residues.polymer_flag 
_pdbx_unobs_or_zero_occ_residues.occupancy_flag 
_pdbx_unobs_or_zero_occ_residues.auth_asym_id 
_pdbx_unobs_or_zero_occ_residues.auth_comp_id 
_pdbx_unobs_or_zero_occ_residues.auth_seq_id 
_pdbx_unobs_or_zero_occ_residues.PDB_ins_code 
_pdbx_unobs_or_zero_occ_residues.label_asym_id 
_pdbx_unobs_or_zero_occ_residues.label_comp_id 
_pdbx_unobs_or_zero_occ_residues.label_seq_id 
1 1 Y 1 A SER 75 ? A SER 75 
2 1 Y 1 A GLU 76 ? A GLU 76 
3 1 Y 1 A LYS 77 ? A LYS 77 
4 1 Y 1 A GLY 78 ? A GLY 78 
5 1 Y 1 A MET 79 ? A MET 79 
6 1 Y 1 A GLY 80 ? A GLY 80 
7 1 Y 1 A CYS 81 ? A CYS 81 
8 1 Y 1 A SER 82 ? A SER 82 
# 
loop_
_chem_comp_atom.comp_id 
_chem_comp_atom.atom_id 
_chem_comp_atom.type_symbol 
_chem_comp_atom.pdbx_aromatic_flag 
_chem_comp_atom.pdbx_stereo_config 
_chem_comp_atom.pdbx_ordinal 
ALA N    N N N 1   
ALA CA   C N S 2   
ALA C    C N N 3   
ALA O    O N N 4   
ALA CB   C N N 5   
ALA OXT  O N N 6   
ALA H    H N N 7   
ALA H2   H N N 8   
ALA HA   H N N 9   
ALA HB1  H N N 10  
ALA HB2  H N N 11  
ALA HB3  H N N 12  
ALA HXT  H N N 13  
ARG N    N N N 14  
ARG CA   C N S 15  
ARG C    C N N 16  
ARG O    O N N 17  
ARG CB   C N N 18  
ARG CG   C N N 19  
ARG CD   C N N 20  
ARG NE   N N N 21  
ARG CZ   C N N 22  
ARG NH1  N N N 23  
ARG NH2  N N N 24  
ARG OXT  O N N 25  
ARG H    H N N 26  
ARG H2   H N N 27  
ARG HA   H N N 28  
ARG HB2  H N N 29  
ARG HB3  H N N 30  
ARG HG2  H N N 31  
ARG HG3  H N N 32  
ARG HD2  H N N 33  
ARG HD3  H N N 34  
ARG HE   H N N 35  
ARG HH11 H N N 36  
ARG HH12 H N N 37  
ARG HH21 H N N 38  
ARG HH22 H N N 39  
ARG HXT  H N N 40  
ASN N    N N N 41  
ASN CA   C N S 42  
ASN C    C N N 43  
ASN O    O N N 44  
ASN CB   C N N 45  
ASN CG   C N N 46  
ASN OD1  O N N 47  
ASN ND2  N N N 48  
ASN OXT  O N N 49  
ASN H    H N N 50  
ASN H2   H N N 51  
ASN HA   H N N 52  
ASN HB2  H N N 53  
ASN HB3  H N N 54  
ASN HD21 H N N 55  
ASN HD22 H N N 56  
ASN HXT  H N N 57  
CYS N    N N N 58  
CYS CA   C N R 59  
CYS C    C N N 60  
CYS O    O N N 61  
CYS CB   C N N 62  
CYS SG   S N N 63  
CYS OXT  O N N 64  
CYS H    H N N 65  
CYS H2   H N N 66  
CYS HA   H N N 67  
CYS HB2  H N N 68  
CYS HB3  H N N 69  
CYS HG   H N N 70  
CYS HXT  H N N 71  
GLN N    N N N 72  
GLN CA   C N S 73  
GLN C    C N N 74  
GLN O    O N N 75  
GLN CB   C N N 76  
GLN CG   C N N 77  
GLN CD   C N N 78  
GLN OE1  O N N 79  
GLN NE2  N N N 80  
GLN OXT  O N N 81  
GLN H    H N N 82  
GLN H2   H N N 83  
GLN HA   H N N 84  
GLN HB2  H N N 85  
GLN HB3  H N N 86  
GLN HG2  H N N 87  
GLN HG3  H N N 88  
GLN HE21 H N N 89  
GLN HE22 H N N 90  
GLN HXT  H N N 91  
GLU N    N N N 92  
GLU CA   C N S 93  
GLU C    C N N 94  
GLU O    O N N 95  
GLU CB   C N N 96  
GLU CG   C N N 97  
GLU CD   C N N 98  
GLU OE1  O N N 99  
GLU OE2  O N N 100 
GLU OXT  O N N 101 
GLU H    H N N 102 
GLU H2   H N N 103 
GLU HA   H N N 104 
GLU HB2  H N N 105 
GLU HB3  H N N 106 
GLU HG2  H N N 107 
GLU HG3  H N N 108 
GLU HE2  H N N 109 
GLU HXT  H N N 110 
GLY N    N N N 111 
GLY CA   C N N 112 
GLY C    C N N 113 
GLY O    O N N 114 
GLY OXT  O N N 115 
GLY H    H N N 116 
GLY H2   H N N 117 
GLY HA2  H N N 118 
GLY HA3  H N N 119 
GLY HXT  H N N 120 
HIS N    N N N 121 
HIS CA   C N S 122 
HIS C    C N N 123 
HIS O    O N N 124 
HIS CB   C N N 125 
HIS CG   C Y N 126 
HIS ND1  N Y N 127 
HIS CD2  C Y N 128 
HIS CE1  C Y N 129 
HIS NE2  N Y N 130 
HIS OXT  O N N 131 
HIS H    H N N 132 
HIS H2   H N N 133 
HIS HA   H N N 134 
HIS HB2  H N N 135 
HIS HB3  H N N 136 
HIS HD1  H N N 137 
HIS HD2  H N N 138 
HIS HE1  H N N 139 
HIS HE2  H N N 140 
HIS HXT  H N N 141 
HOH O    O N N 142 
HOH H1   H N N 143 
HOH H2   H N N 144 
ILE N    N N N 145 
ILE CA   C N S 146 
ILE C    C N N 147 
ILE O    O N N 148 
ILE CB   C N S 149 
ILE CG1  C N N 150 
ILE CG2  C N N 151 
ILE CD1  C N N 152 
ILE OXT  O N N 153 
ILE H    H N N 154 
ILE H2   H N N 155 
ILE HA   H N N 156 
ILE HB   H N N 157 
ILE HG12 H N N 158 
ILE HG13 H N N 159 
ILE HG21 H N N 160 
ILE HG22 H N N 161 
ILE HG23 H N N 162 
ILE HD11 H N N 163 
ILE HD12 H N N 164 
ILE HD13 H N N 165 
ILE HXT  H N N 166 
LEU N    N N N 167 
LEU CA   C N S 168 
LEU C    C N N 169 
LEU O    O N N 170 
LEU CB   C N N 171 
LEU CG   C N N 172 
LEU CD1  C N N 173 
LEU CD2  C N N 174 
LEU OXT  O N N 175 
LEU H    H N N 176 
LEU H2   H N N 177 
LEU HA   H N N 178 
LEU HB2  H N N 179 
LEU HB3  H N N 180 
LEU HG   H N N 181 
LEU HD11 H N N 182 
LEU HD12 H N N 183 
LEU HD13 H N N 184 
LEU HD21 H N N 185 
LEU HD22 H N N 186 
LEU HD23 H N N 187 
LEU HXT  H N N 188 
LYS N    N N N 189 
LYS CA   C N S 190 
LYS C    C N N 191 
LYS O    O N N 192 
LYS CB   C N N 193 
LYS CG   C N N 194 
LYS CD   C N N 195 
LYS CE   C N N 196 
LYS NZ   N N N 197 
LYS OXT  O N N 198 
LYS H    H N N 199 
LYS H2   H N N 200 
LYS HA   H N N 201 
LYS HB2  H N N 202 
LYS HB3  H N N 203 
LYS HG2  H N N 204 
LYS HG3  H N N 205 
LYS HD2  H N N 206 
LYS HD3  H N N 207 
LYS HE2  H N N 208 
LYS HE3  H N N 209 
LYS HZ1  H N N 210 
LYS HZ2  H N N 211 
LYS HZ3  H N N 212 
LYS HXT  H N N 213 
MET N    N N N 214 
MET CA   C N S 215 
MET C    C N N 216 
MET O    O N N 217 
MET CB   C N N 218 
MET CG   C N N 219 
MET SD   S N N 220 
MET CE   C N N 221 
MET OXT  O N N 222 
MET H    H N N 223 
MET H2   H N N 224 
MET HA   H N N 225 
MET HB2  H N N 226 
MET HB3  H N N 227 
MET HG2  H N N 228 
MET HG3  H N N 229 
MET HE1  H N N 230 
MET HE2  H N N 231 
MET HE3  H N N 232 
MET HXT  H N N 233 
PRO N    N N N 234 
PRO CA   C N S 235 
PRO C    C N N 236 
PRO O    O N N 237 
PRO CB   C N N 238 
PRO CG   C N N 239 
PRO CD   C N N 240 
PRO OXT  O N N 241 
PRO H    H N N 242 
PRO HA   H N N 243 
PRO HB2  H N N 244 
PRO HB3  H N N 245 
PRO HG2  H N N 246 
PRO HG3  H N N 247 
PRO HD2  H N N 248 
PRO HD3  H N N 249 
PRO HXT  H N N 250 
SER N    N N N 251 
SER CA   C N S 252 
SER C    C N N 253 
SER O    O N N 254 
SER CB   C N N 255 
SER OG   O N N 256 
SER OXT  O N N 257 
SER H    H N N 258 
SER H2   H N N 259 
SER HA   H N N 260 
SER HB2  H N N 261 
SER HB3  H N N 262 
SER HG   H N N 263 
SER HXT  H N N 264 
THR N    N N N 265 
THR CA   C N S 266 
THR C    C N N 267 
THR O    O N N 268 
THR CB   C N R 269 
THR OG1  O N N 270 
THR CG2  C N N 271 
THR OXT  O N N 272 
THR H    H N N 273 
THR H2   H N N 274 
THR HA   H N N 275 
THR HB   H N N 276 
THR HG1  H N N 277 
THR HG21 H N N 278 
THR HG22 H N N 279 
THR HG23 H N N 280 
THR HXT  H N N 281 
TYR N    N N N 282 
TYR CA   C N S 283 
TYR C    C N N 284 
TYR O    O N N 285 
TYR CB   C N N 286 
TYR CG   C Y N 287 
TYR CD1  C Y N 288 
TYR CD2  C Y N 289 
TYR CE1  C Y N 290 
TYR CE2  C Y N 291 
TYR CZ   C Y N 292 
TYR OH   O N N 293 
TYR OXT  O N N 294 
TYR H    H N N 295 
TYR H2   H N N 296 
TYR HA   H N N 297 
TYR HB2  H N N 298 
TYR HB3  H N N 299 
TYR HD1  H N N 300 
TYR HD2  H N N 301 
TYR HE1  H N N 302 
TYR HE2  H N N 303 
TYR HH   H N N 304 
TYR HXT  H N N 305 
VAL N    N N N 306 
VAL CA   C N S 307 
VAL C    C N N 308 
VAL O    O N N 309 
VAL CB   C N N 310 
VAL CG1  C N N 311 
VAL CG2  C N N 312 
VAL OXT  O N N 313 
VAL H    H N N 314 
VAL H2   H N N 315 
VAL HA   H N N 316 
VAL HB   H N N 317 
VAL HG11 H N N 318 
VAL HG12 H N N 319 
VAL HG13 H N N 320 
VAL HG21 H N N 321 
VAL HG22 H N N 322 
VAL HG23 H N N 323 
VAL HXT  H N N 324 
# 
loop_
_chem_comp_bond.comp_id 
_chem_comp_bond.atom_id_1 
_chem_comp_bond.atom_id_2 
_chem_comp_bond.value_order 
_chem_comp_bond.pdbx_aromatic_flag 
_chem_comp_bond.pdbx_stereo_config 
_chem_comp_bond.pdbx_ordinal 
ALA N   CA   sing N N 1   
ALA N   H    sing N N 2   
ALA N   H2   sing N N 3   
ALA CA  C    sing N N 4   
ALA CA  CB   sing N N 5   
ALA CA  HA   sing N N 6   
ALA C   O    doub N N 7   
ALA C   OXT  sing N N 8   
ALA CB  HB1  sing N N 9   
ALA CB  HB2  sing N N 10  
ALA CB  HB3  sing N N 11  
ALA OXT HXT  sing N N 12  
ARG N   CA   sing N N 13  
ARG N   H    sing N N 14  
ARG N   H2   sing N N 15  
ARG CA  C    sing N N 16  
ARG CA  CB   sing N N 17  
ARG CA  HA   sing N N 18  
ARG C   O    doub N N 19  
ARG C   OXT  sing N N 20  
ARG CB  CG   sing N N 21  
ARG CB  HB2  sing N N 22  
ARG CB  HB3  sing N N 23  
ARG CG  CD   sing N N 24  
ARG CG  HG2  sing N N 25  
ARG CG  HG3  sing N N 26  
ARG CD  NE   sing N N 27  
ARG CD  HD2  sing N N 28  
ARG CD  HD3  sing N N 29  
ARG NE  CZ   sing N N 30  
ARG NE  HE   sing N N 31  
ARG CZ  NH1  sing N N 32  
ARG CZ  NH2  doub N N 33  
ARG NH1 HH11 sing N N 34  
ARG NH1 HH12 sing N N 35  
ARG NH2 HH21 sing N N 36  
ARG NH2 HH22 sing N N 37  
ARG OXT HXT  sing N N 38  
ASN N   CA   sing N N 39  
ASN N   H    sing N N 40  
ASN N   H2   sing N N 41  
ASN CA  C    sing N N 42  
ASN CA  CB   sing N N 43  
ASN CA  HA   sing N N 44  
ASN C   O    doub N N 45  
ASN C   OXT  sing N N 46  
ASN CB  CG   sing N N 47  
ASN CB  HB2  sing N N 48  
ASN CB  HB3  sing N N 49  
ASN CG  OD1  doub N N 50  
ASN CG  ND2  sing N N 51  
ASN ND2 HD21 sing N N 52  
ASN ND2 HD22 sing N N 53  
ASN OXT HXT  sing N N 54  
CYS N   CA   sing N N 55  
CYS N   H    sing N N 56  
CYS N   H2   sing N N 57  
CYS CA  C    sing N N 58  
CYS CA  CB   sing N N 59  
CYS CA  HA   sing N N 60  
CYS C   O    doub N N 61  
CYS C   OXT  sing N N 62  
CYS CB  SG   sing N N 63  
CYS CB  HB2  sing N N 64  
CYS CB  HB3  sing N N 65  
CYS SG  HG   sing N N 66  
CYS OXT HXT  sing N N 67  
GLN N   CA   sing N N 68  
GLN N   H    sing N N 69  
GLN N   H2   sing N N 70  
GLN CA  C    sing N N 71  
GLN CA  CB   sing N N 72  
GLN CA  HA   sing N N 73  
GLN C   O    doub N N 74  
GLN C   OXT  sing N N 75  
GLN CB  CG   sing N N 76  
GLN CB  HB2  sing N N 77  
GLN CB  HB3  sing N N 78  
GLN CG  CD   sing N N 79  
GLN CG  HG2  sing N N 80  
GLN CG  HG3  sing N N 81  
GLN CD  OE1  doub N N 82  
GLN CD  NE2  sing N N 83  
GLN NE2 HE21 sing N N 84  
GLN NE2 HE22 sing N N 85  
GLN OXT HXT  sing N N 86  
GLU N   CA   sing N N 87  
GLU N   H    sing N N 88  
GLU N   H2   sing N N 89  
GLU CA  C    sing N N 90  
GLU CA  CB   sing N N 91  
GLU CA  HA   sing N N 92  
GLU C   O    doub N N 93  
GLU C   OXT  sing N N 94  
GLU CB  CG   sing N N 95  
GLU CB  HB2  sing N N 96  
GLU CB  HB3  sing N N 97  
GLU CG  CD   sing N N 98  
GLU CG  HG2  sing N N 99  
GLU CG  HG3  sing N N 100 
GLU CD  OE1  doub N N 101 
GLU CD  OE2  sing N N 102 
GLU OE2 HE2  sing N N 103 
GLU OXT HXT  sing N N 104 
GLY N   CA   sing N N 105 
GLY N   H    sing N N 106 
GLY N   H2   sing N N 107 
GLY CA  C    sing N N 108 
GLY CA  HA2  sing N N 109 
GLY CA  HA3  sing N N 110 
GLY C   O    doub N N 111 
GLY C   OXT  sing N N 112 
GLY OXT HXT  sing N N 113 
HIS N   CA   sing N N 114 
HIS N   H    sing N N 115 
HIS N   H2   sing N N 116 
HIS CA  C    sing N N 117 
HIS CA  CB   sing N N 118 
HIS CA  HA   sing N N 119 
HIS C   O    doub N N 120 
HIS C   OXT  sing N N 121 
HIS CB  CG   sing N N 122 
HIS CB  HB2  sing N N 123 
HIS CB  HB3  sing N N 124 
HIS CG  ND1  sing Y N 125 
HIS CG  CD2  doub Y N 126 
HIS ND1 CE1  doub Y N 127 
HIS ND1 HD1  sing N N 128 
HIS CD2 NE2  sing Y N 129 
HIS CD2 HD2  sing N N 130 
HIS CE1 NE2  sing Y N 131 
HIS CE1 HE1  sing N N 132 
HIS NE2 HE2  sing N N 133 
HIS OXT HXT  sing N N 134 
HOH O   H1   sing N N 135 
HOH O   H2   sing N N 136 
ILE N   CA   sing N N 137 
ILE N   H    sing N N 138 
ILE N   H2   sing N N 139 
ILE CA  C    sing N N 140 
ILE CA  CB   sing N N 141 
ILE CA  HA   sing N N 142 
ILE C   O    doub N N 143 
ILE C   OXT  sing N N 144 
ILE CB  CG1  sing N N 145 
ILE CB  CG2  sing N N 146 
ILE CB  HB   sing N N 147 
ILE CG1 CD1  sing N N 148 
ILE CG1 HG12 sing N N 149 
ILE CG1 HG13 sing N N 150 
ILE CG2 HG21 sing N N 151 
ILE CG2 HG22 sing N N 152 
ILE CG2 HG23 sing N N 153 
ILE CD1 HD11 sing N N 154 
ILE CD1 HD12 sing N N 155 
ILE CD1 HD13 sing N N 156 
ILE OXT HXT  sing N N 157 
LEU N   CA   sing N N 158 
LEU N   H    sing N N 159 
LEU N   H2   sing N N 160 
LEU CA  C    sing N N 161 
LEU CA  CB   sing N N 162 
LEU CA  HA   sing N N 163 
LEU C   O    doub N N 164 
LEU C   OXT  sing N N 165 
LEU CB  CG   sing N N 166 
LEU CB  HB2  sing N N 167 
LEU CB  HB3  sing N N 168 
LEU CG  CD1  sing N N 169 
LEU CG  CD2  sing N N 170 
LEU CG  HG   sing N N 171 
LEU CD1 HD11 sing N N 172 
LEU CD1 HD12 sing N N 173 
LEU CD1 HD13 sing N N 174 
LEU CD2 HD21 sing N N 175 
LEU CD2 HD22 sing N N 176 
LEU CD2 HD23 sing N N 177 
LEU OXT HXT  sing N N 178 
LYS N   CA   sing N N 179 
LYS N   H    sing N N 180 
LYS N   H2   sing N N 181 
LYS CA  C    sing N N 182 
LYS CA  CB   sing N N 183 
LYS CA  HA   sing N N 184 
LYS C   O    doub N N 185 
LYS C   OXT  sing N N 186 
LYS CB  CG   sing N N 187 
LYS CB  HB2  sing N N 188 
LYS CB  HB3  sing N N 189 
LYS CG  CD   sing N N 190 
LYS CG  HG2  sing N N 191 
LYS CG  HG3  sing N N 192 
LYS CD  CE   sing N N 193 
LYS CD  HD2  sing N N 194 
LYS CD  HD3  sing N N 195 
LYS CE  NZ   sing N N 196 
LYS CE  HE2  sing N N 197 
LYS CE  HE3  sing N N 198 
LYS NZ  HZ1  sing N N 199 
LYS NZ  HZ2  sing N N 200 
LYS NZ  HZ3  sing N N 201 
LYS OXT HXT  sing N N 202 
MET N   CA   sing N N 203 
MET N   H    sing N N 204 
MET N   H2   sing N N 205 
MET CA  C    sing N N 206 
MET CA  CB   sing N N 207 
MET CA  HA   sing N N 208 
MET C   O    doub N N 209 
MET C   OXT  sing N N 210 
MET CB  CG   sing N N 211 
MET CB  HB2  sing N N 212 
MET CB  HB3  sing N N 213 
MET CG  SD   sing N N 214 
MET CG  HG2  sing N N 215 
MET CG  HG3  sing N N 216 
MET SD  CE   sing N N 217 
MET CE  HE1  sing N N 218 
MET CE  HE2  sing N N 219 
MET CE  HE3  sing N N 220 
MET OXT HXT  sing N N 221 
PRO N   CA   sing N N 222 
PRO N   CD   sing N N 223 
PRO N   H    sing N N 224 
PRO CA  C    sing N N 225 
PRO CA  CB   sing N N 226 
PRO CA  HA   sing N N 227 
PRO C   O    doub N N 228 
PRO C   OXT  sing N N 229 
PRO CB  CG   sing N N 230 
PRO CB  HB2  sing N N 231 
PRO CB  HB3  sing N N 232 
PRO CG  CD   sing N N 233 
PRO CG  HG2  sing N N 234 
PRO CG  HG3  sing N N 235 
PRO CD  HD2  sing N N 236 
PRO CD  HD3  sing N N 237 
PRO OXT HXT  sing N N 238 
SER N   CA   sing N N 239 
SER N   H    sing N N 240 
SER N   H2   sing N N 241 
SER CA  C    sing N N 242 
SER CA  CB   sing N N 243 
SER CA  HA   sing N N 244 
SER C   O    doub N N 245 
SER C   OXT  sing N N 246 
SER CB  OG   sing N N 247 
SER CB  HB2  sing N N 248 
SER CB  HB3  sing N N 249 
SER OG  HG   sing N N 250 
SER OXT HXT  sing N N 251 
THR N   CA   sing N N 252 
THR N   H    sing N N 253 
THR N   H2   sing N N 254 
THR CA  C    sing N N 255 
THR CA  CB   sing N N 256 
THR CA  HA   sing N N 257 
THR C   O    doub N N 258 
THR C   OXT  sing N N 259 
THR CB  OG1  sing N N 260 
THR CB  CG2  sing N N 261 
THR CB  HB   sing N N 262 
THR OG1 HG1  sing N N 263 
THR CG2 HG21 sing N N 264 
THR CG2 HG22 sing N N 265 
THR CG2 HG23 sing N N 266 
THR OXT HXT  sing N N 267 
TYR N   CA   sing N N 268 
TYR N   H    sing N N 269 
TYR N   H2   sing N N 270 
TYR CA  C    sing N N 271 
TYR CA  CB   sing N N 272 
TYR CA  HA   sing N N 273 
TYR C   O    doub N N 274 
TYR C   OXT  sing N N 275 
TYR CB  CG   sing N N 276 
TYR CB  HB2  sing N N 277 
TYR CB  HB3  sing N N 278 
TYR CG  CD1  doub Y N 279 
TYR CG  CD2  sing Y N 280 
TYR CD1 CE1  sing Y N 281 
TYR CD1 HD1  sing N N 282 
TYR CD2 CE2  doub Y N 283 
TYR CD2 HD2  sing N N 284 
TYR CE1 CZ   doub Y N 285 
TYR CE1 HE1  sing N N 286 
TYR CE2 CZ   sing Y N 287 
TYR CE2 HE2  sing N N 288 
TYR CZ  OH   sing N N 289 
TYR OH  HH   sing N N 290 
TYR OXT HXT  sing N N 291 
VAL N   CA   sing N N 292 
VAL N   H    sing N N 293 
VAL N   H2   sing N N 294 
VAL CA  C    sing N N 295 
VAL CA  CB   sing N N 296 
VAL CA  HA   sing N N 297 
VAL C   O    doub N N 298 
VAL C   OXT  sing N N 299 
VAL CB  CG1  sing N N 300 
VAL CB  CG2  sing N N 301 
VAL CB  HB   sing N N 302 
VAL CG1 HG11 sing N N 303 
VAL CG1 HG12 sing N N 304 
VAL CG1 HG13 sing N N 305 
VAL CG2 HG21 sing N N 306 
VAL CG2 HG22 sing N N 307 
VAL CG2 HG23 sing N N 308 
VAL OXT HXT  sing N N 309 
# 
_pdbx_entity_nonpoly.entity_id   2 
_pdbx_entity_nonpoly.name        water 
_pdbx_entity_nonpoly.comp_id     HOH 
# 
_pdbx_initial_refinement_model.id               1 
_pdbx_initial_refinement_model.entity_id_list   ? 
_pdbx_initial_refinement_model.type             'experimental model' 
_pdbx_initial_refinement_model.source_name      PDB 
_pdbx_initial_refinement_model.accession_code   1EC6 
_pdbx_initial_refinement_model.details          ? 
# 
